data_1E03
#
_entry.id   1E03
#
_cell.length_a   70.511
_cell.length_b   87.071
_cell.length_c   97.349
_cell.angle_alpha   90.00
_cell.angle_beta   108.88
_cell.angle_gamma   90.00
#
_symmetry.space_group_name_H-M   'P 1 21 1'
#
loop_
_entity.id
_entity.type
_entity.pdbx_description
1 polymer ANTITHROMBIN-III
2 branched 2-acetamido-2-deoxy-beta-D-glucopyranose-(1-4)-2-acetamido-2-deoxy-beta-D-glucopyranose
3 branched beta-D-mannopyranose-(1-4)-2-acetamido-2-deoxy-beta-D-glucopyranose-(1-4)-2-acetamido-2-deoxy-beta-D-glucopyranose
4 branched '3,4-di-O-methyl-2,6-di-O-sulfo-alpha-D-glucopyranose-(1-4)-2,3-di-O-methyl-beta-D-glucopyranuronic acid-(1-4)-2,3,6-tri-O-sulfo-alpha-D-glucopyranose-(1-4)-3-O-methyl-2-O-sulfo-alpha-L-idopyranuronic acid-(1-4)-methyl 2,3,6-tri-O-sulfo-alpha-D-glucopyranoside'
5 non-polymer 2-acetamido-2-deoxy-beta-D-glucopyranose
6 water water
#
_entity_poly.entity_id   1
_entity_poly.type   'polypeptide(L)'
_entity_poly.pdbx_seq_one_letter_code
;HGSPVDICTAKPRDIPMNPMCIYRSPEKKATEDEGSEQKIPEATNRRVWELSKANSRFATTFYQHLADSKNDNDNIFLSP
LSISTAFAMTKLGACNDTLQQLMEVFKFDTISEKTSDQIHFFFAKLNCRLYRKANKSSKLVSANRLFGDKSLTFNETYQD
ISELVYGAKLQPLDFKENAEQSRAAINKWVSNKTEGRITDVIPSEAINELTVLVLVNTIYFKGLWKSKFSPENTRKELFY
KADGESCSASMMYQEGKFRYRRVAEGTQVLELPFKGDDITMVLILPKPEKSLAKVEKELTPEVLQEWLDELEEMMLVVHM
PRFRIEDGFSLKEQLQDMGLVDLFSPEKSKLPGIVAEGRDDLYVSDAFHKAFLEVNEEGSEAAASTAVVIAGRSLNPNRV
TFKANRPFLVFIREVPLNTIIFMGRVANPCVK
;
_entity_poly.pdbx_strand_id   I,L
#
# COMPACT_ATOMS: atom_id res chain seq x y z
N ASP A 6 19.87 25.82 -24.97
CA ASP A 6 18.96 25.20 -24.00
C ASP A 6 18.05 26.23 -23.37
N ILE A 7 16.90 26.51 -23.99
CA ILE A 7 15.92 27.45 -23.58
C ILE A 7 15.51 27.56 -22.13
N CYS A 8 15.39 26.47 -21.40
CA CYS A 8 14.99 26.44 -20.01
C CYS A 8 15.94 27.10 -19.04
N THR A 9 17.24 26.91 -19.19
CA THR A 9 18.22 27.57 -18.34
C THR A 9 18.67 28.89 -18.94
N ALA A 10 18.30 29.12 -20.20
CA ALA A 10 18.60 30.33 -20.92
C ALA A 10 17.69 31.48 -20.42
N LYS A 11 18.04 32.68 -20.86
CA LYS A 11 17.30 33.89 -20.49
C LYS A 11 17.06 34.70 -21.75
N PRO A 12 16.13 35.67 -21.67
CA PRO A 12 15.75 36.51 -22.78
C PRO A 12 16.83 37.08 -23.65
N ARG A 13 17.88 37.66 -23.08
CA ARG A 13 19.02 38.18 -23.80
C ARG A 13 19.89 37.08 -24.38
N ASP A 14 19.91 35.89 -23.78
CA ASP A 14 20.69 34.78 -24.27
C ASP A 14 20.49 34.62 -25.77
N ILE A 15 19.26 34.40 -26.23
CA ILE A 15 18.96 34.35 -27.66
C ILE A 15 17.95 35.45 -28.01
N PRO A 16 18.45 36.59 -28.47
CA PRO A 16 17.66 37.74 -28.82
C PRO A 16 16.48 37.47 -29.75
N MET A 17 15.28 37.85 -29.32
CA MET A 17 14.08 37.60 -30.11
C MET A 17 13.05 38.70 -30.15
N ASN A 18 13.41 39.85 -30.72
CA ASN A 18 12.45 40.97 -30.83
C ASN A 18 11.50 40.65 -31.98
N PRO A 19 10.21 40.57 -31.68
CA PRO A 19 9.19 40.26 -32.67
C PRO A 19 8.93 41.43 -33.62
N MET A 20 8.35 41.12 -34.78
CA MET A 20 8.03 42.15 -35.76
C MET A 20 7.13 43.22 -35.17
N CYS A 21 5.86 42.91 -34.95
CA CYS A 21 4.94 43.89 -34.37
C CYS A 21 4.87 43.76 -32.85
N ILE A 22 4.31 44.75 -32.17
CA ILE A 22 4.18 44.75 -30.73
C ILE A 22 2.79 45.27 -30.34
N TYR A 23 2.29 44.83 -29.18
CA TYR A 23 0.99 45.25 -28.72
C TYR A 23 0.88 45.81 -27.32
N ARG A 24 0.19 46.96 -27.25
CA ARG A 24 -0.10 47.70 -26.02
C ARG A 24 -1.60 48.08 -26.06
N SER A 25 -2.21 48.22 -24.89
CA SER A 25 -3.65 48.48 -24.83
C SER A 25 -4.11 49.60 -23.95
N PRO A 26 -5.44 49.86 -23.89
CA PRO A 26 -6.06 50.93 -23.20
C PRO A 26 -5.95 51.14 -21.72
N GLU A 27 -5.82 50.11 -20.89
CA GLU A 27 -5.73 50.27 -19.45
C GLU A 27 -4.40 49.92 -18.81
N LYS A 28 -4.25 50.30 -17.54
CA LYS A 28 -3.06 50.04 -16.76
C LYS A 28 -1.81 50.56 -17.47
N GLU A 37 -6.40 39.36 -3.09
CA GLU A 37 -6.43 37.99 -3.58
C GLU A 37 -5.11 37.59 -4.24
N GLN A 38 -4.22 38.56 -4.49
CA GLN A 38 -2.97 38.31 -5.16
C GLN A 38 -1.76 37.91 -4.37
N LYS A 39 -1.20 36.72 -4.70
CA LYS A 39 0.00 36.19 -4.05
C LYS A 39 0.87 35.35 -4.98
N ILE A 40 2.13 35.14 -4.62
CA ILE A 40 3.08 34.43 -5.46
C ILE A 40 3.67 33.15 -4.92
N PRO A 41 3.60 32.08 -5.74
CA PRO A 41 4.14 30.77 -5.39
C PRO A 41 5.64 30.82 -5.11
N GLU A 42 6.13 29.80 -4.41
CA GLU A 42 7.54 29.71 -4.04
C GLU A 42 8.45 29.39 -5.21
N ALA A 43 9.64 29.99 -5.21
CA ALA A 43 10.63 29.81 -6.28
C ALA A 43 9.96 29.81 -7.65
N THR A 44 9.35 30.94 -8.03
CA THR A 44 8.64 31.07 -9.28
C THR A 44 8.89 32.41 -9.98
N ASN A 45 9.07 32.34 -11.29
CA ASN A 45 9.29 33.55 -12.09
C ASN A 45 7.97 34.33 -12.16
N ARG A 46 8.01 35.60 -11.74
CA ARG A 46 6.85 36.47 -11.76
C ARG A 46 6.25 36.62 -13.15
N ARG A 47 7.09 36.75 -14.17
CA ARG A 47 6.65 36.78 -15.55
C ARG A 47 5.95 35.48 -15.89
N VAL A 48 6.56 34.33 -15.62
CA VAL A 48 5.90 33.04 -15.84
C VAL A 48 4.51 33.03 -15.21
N TRP A 49 4.42 33.35 -13.93
CA TRP A 49 3.17 33.44 -13.20
C TRP A 49 2.08 34.27 -13.81
N GLU A 50 2.33 35.49 -14.29
CA GLU A 50 1.31 36.33 -14.91
C GLU A 50 0.65 35.68 -16.12
N LEU A 51 1.46 35.04 -16.96
CA LEU A 51 1.07 34.31 -18.14
C LEU A 51 0.35 33.00 -17.84
N SER A 52 0.70 32.37 -16.72
CA SER A 52 0.08 31.14 -16.27
C SER A 52 -1.37 31.41 -15.84
N LYS A 53 -1.61 32.59 -15.27
CA LYS A 53 -2.93 33.06 -14.91
C LYS A 53 -3.77 33.42 -16.12
N ALA A 54 -3.14 33.91 -17.19
CA ALA A 54 -3.83 34.24 -18.43
C ALA A 54 -4.42 32.99 -19.07
N ASN A 55 -3.61 31.92 -19.12
CA ASN A 55 -4.08 30.63 -19.62
C ASN A 55 -5.34 30.19 -18.91
N SER A 56 -5.33 30.20 -17.57
CA SER A 56 -6.52 29.85 -16.80
C SER A 56 -7.72 30.66 -17.26
N ARG A 57 -7.61 32.00 -17.25
CA ARG A 57 -8.65 32.86 -17.76
C ARG A 57 -9.14 32.41 -19.14
N PHE A 58 -8.22 32.22 -20.09
CA PHE A 58 -8.56 31.67 -21.39
C PHE A 58 -9.28 30.35 -21.28
N ALA A 59 -8.70 29.34 -20.64
CA ALA A 59 -9.26 28.03 -20.45
C ALA A 59 -10.74 27.96 -20.09
N THR A 60 -11.16 28.72 -19.06
CA THR A 60 -12.55 28.75 -18.66
C THR A 60 -13.44 29.22 -19.78
N THR A 61 -13.20 30.39 -20.37
CA THR A 61 -14.00 30.89 -21.48
C THR A 61 -14.02 29.91 -22.65
N PHE A 62 -12.83 29.43 -23.07
CA PHE A 62 -12.74 28.45 -24.12
C PHE A 62 -13.60 27.22 -23.80
N TYR A 63 -13.45 26.65 -22.60
CA TYR A 63 -14.27 25.54 -22.18
C TYR A 63 -15.74 25.93 -22.15
N GLN A 64 -16.07 27.06 -21.52
CA GLN A 64 -17.45 27.52 -21.46
C GLN A 64 -18.10 27.49 -22.82
N HIS A 65 -17.51 28.18 -23.81
CA HIS A 65 -17.98 28.15 -25.19
C HIS A 65 -18.11 26.69 -25.67
N LEU A 66 -17.00 25.95 -25.61
CA LEU A 66 -16.97 24.56 -25.99
C LEU A 66 -18.09 23.72 -25.39
N ALA A 67 -18.20 23.66 -24.07
CA ALA A 67 -19.23 22.90 -23.39
C ALA A 67 -20.61 23.22 -23.91
N ASP A 68 -20.98 24.49 -23.94
CA ASP A 68 -22.23 25.02 -24.39
C ASP A 68 -22.73 24.61 -25.76
N SER A 69 -21.83 24.43 -26.72
CA SER A 69 -22.10 23.99 -28.06
C SER A 69 -22.08 22.47 -28.24
N LYS A 70 -22.02 21.70 -27.17
CA LYS A 70 -21.98 20.26 -27.24
C LYS A 70 -23.15 19.60 -26.50
N ASN A 71 -23.29 18.29 -26.75
CA ASN A 71 -24.34 17.52 -26.06
C ASN A 71 -23.84 17.34 -24.62
N ASP A 72 -24.77 17.29 -23.67
CA ASP A 72 -24.48 17.13 -22.27
C ASP A 72 -23.96 15.76 -21.85
N ASN A 73 -24.15 14.74 -22.66
CA ASN A 73 -23.72 13.40 -22.44
C ASN A 73 -22.39 13.05 -23.11
N ASP A 74 -21.78 14.01 -23.80
CA ASP A 74 -20.51 13.75 -24.46
C ASP A 74 -19.38 13.96 -23.45
N ASN A 75 -18.27 13.24 -23.66
CA ASN A 75 -17.10 13.50 -22.79
C ASN A 75 -16.33 14.62 -23.49
N ILE A 76 -15.49 15.31 -22.74
CA ILE A 76 -14.65 16.36 -23.28
C ILE A 76 -13.23 16.05 -22.76
N PHE A 77 -12.21 16.66 -23.30
CA PHE A 77 -10.85 16.51 -22.89
C PHE A 77 -9.93 17.31 -23.83
N LEU A 78 -9.31 18.34 -23.29
CA LEU A 78 -8.43 19.18 -24.09
C LEU A 78 -7.28 19.73 -23.26
N SER A 79 -6.40 20.48 -23.92
CA SER A 79 -5.27 21.10 -23.26
C SER A 79 -5.25 22.59 -23.60
N PRO A 80 -5.66 23.42 -22.64
CA PRO A 80 -5.69 24.86 -22.81
C PRO A 80 -4.29 25.45 -22.92
N LEU A 81 -3.34 24.87 -22.17
CA LEU A 81 -1.95 25.29 -22.20
C LEU A 81 -1.34 25.08 -23.59
N SER A 82 -1.60 23.92 -24.18
CA SER A 82 -1.12 23.60 -25.52
C SER A 82 -1.68 24.55 -26.57
N ILE A 83 -3.00 24.76 -26.54
CA ILE A 83 -3.68 25.66 -27.46
C ILE A 83 -3.13 27.07 -27.35
N SER A 84 -2.95 27.54 -26.12
CA SER A 84 -2.37 28.85 -25.84
C SER A 84 -0.94 28.92 -26.38
N THR A 85 -0.15 27.87 -26.15
CA THR A 85 1.22 27.84 -26.65
C THR A 85 1.18 27.95 -28.18
N ALA A 86 0.48 27.03 -28.84
CA ALA A 86 0.34 27.06 -30.30
C ALA A 86 0.06 28.46 -30.81
N PHE A 87 -1.05 29.07 -30.35
CA PHE A 87 -1.43 30.42 -30.73
C PHE A 87 -0.43 31.48 -30.37
N ALA A 88 0.42 31.29 -29.34
CA ALA A 88 1.51 32.16 -29.01
C ALA A 88 2.51 32.13 -30.17
N MET A 89 2.79 30.95 -30.74
CA MET A 89 3.65 30.86 -31.90
C MET A 89 3.18 31.83 -32.97
N THR A 90 1.91 31.76 -33.41
CA THR A 90 1.36 32.70 -34.37
C THR A 90 1.37 34.15 -33.94
N LYS A 91 1.33 34.46 -32.65
CA LYS A 91 1.40 35.80 -32.12
C LYS A 91 2.72 36.47 -32.49
N LEU A 92 3.82 35.71 -32.49
CA LEU A 92 5.15 36.12 -32.85
C LEU A 92 5.26 36.76 -34.22
N GLY A 93 4.52 36.26 -35.22
CA GLY A 93 4.52 36.81 -36.56
C GLY A 93 3.39 37.79 -36.83
N ALA A 94 2.33 37.79 -36.04
CA ALA A 94 1.19 38.65 -36.20
C ALA A 94 1.39 40.16 -36.15
N CYS A 95 0.51 40.90 -36.83
CA CYS A 95 0.53 42.35 -36.86
C CYS A 95 -0.88 42.95 -36.96
N ASN A 96 -0.95 44.26 -36.76
CA ASN A 96 -2.21 45.00 -36.90
C ASN A 96 -3.38 44.39 -36.16
N ASP A 97 -4.47 44.07 -36.86
CA ASP A 97 -5.66 43.50 -36.26
C ASP A 97 -5.54 42.04 -35.88
N THR A 98 -4.78 41.27 -36.65
CA THR A 98 -4.55 39.86 -36.38
C THR A 98 -3.97 39.68 -34.98
N LEU A 99 -2.94 40.46 -34.67
CA LEU A 99 -2.32 40.47 -33.36
C LEU A 99 -3.28 40.95 -32.27
N GLN A 100 -4.06 42.00 -32.53
CA GLN A 100 -5.01 42.51 -31.57
C GLN A 100 -6.04 41.48 -31.14
N GLN A 101 -6.73 40.87 -32.11
CA GLN A 101 -7.70 39.81 -31.84
C GLN A 101 -7.04 38.63 -31.15
N LEU A 102 -5.81 38.29 -31.54
CA LEU A 102 -5.06 37.21 -30.93
C LEU A 102 -4.84 37.53 -29.46
N MET A 103 -4.26 38.70 -29.18
CA MET A 103 -4.02 39.17 -27.82
C MET A 103 -5.28 39.14 -26.96
N GLU A 104 -6.36 39.72 -27.45
CA GLU A 104 -7.64 39.77 -26.78
C GLU A 104 -8.27 38.42 -26.55
N VAL A 105 -8.43 37.60 -27.59
CA VAL A 105 -9.03 36.28 -27.45
C VAL A 105 -8.32 35.44 -26.41
N PHE A 106 -7.00 35.28 -26.49
CA PHE A 106 -6.22 34.50 -25.57
C PHE A 106 -5.88 35.07 -24.24
N LYS A 107 -6.45 36.22 -23.86
CA LYS A 107 -6.27 36.93 -22.64
C LYS A 107 -4.88 37.44 -22.37
N PHE A 108 -4.07 37.63 -23.39
CA PHE A 108 -2.69 38.04 -23.31
C PHE A 108 -2.48 39.53 -23.10
N ASP A 109 -3.49 40.34 -23.40
CA ASP A 109 -3.43 41.77 -23.29
C ASP A 109 -3.23 42.38 -21.91
N THR A 110 -3.60 41.68 -20.87
CA THR A 110 -3.50 42.08 -19.49
C THR A 110 -2.07 42.07 -18.93
N ILE A 111 -1.26 41.12 -19.38
CA ILE A 111 0.11 40.97 -18.92
C ILE A 111 0.98 42.19 -19.13
N SER A 112 2.24 42.12 -18.68
CA SER A 112 3.17 43.22 -18.78
C SER A 112 3.76 43.46 -20.16
N GLU A 113 4.59 44.49 -20.26
CA GLU A 113 5.24 44.88 -21.51
C GLU A 113 6.26 43.85 -21.98
N LYS A 114 7.27 43.60 -21.15
CA LYS A 114 8.34 42.65 -21.44
C LYS A 114 7.84 41.25 -21.75
N THR A 115 6.86 40.77 -20.99
CA THR A 115 6.25 39.47 -21.19
C THR A 115 5.36 39.44 -22.41
N SER A 116 4.79 40.57 -22.84
CA SER A 116 3.99 40.64 -24.04
C SER A 116 4.86 40.52 -25.29
N ASP A 117 6.08 41.01 -25.23
CA ASP A 117 7.03 40.91 -26.33
C ASP A 117 7.72 39.57 -26.33
N GLN A 118 8.21 39.11 -25.17
CA GLN A 118 8.85 37.80 -25.07
C GLN A 118 7.92 36.70 -24.63
N ILE A 119 6.62 36.82 -24.91
CA ILE A 119 5.58 35.88 -24.62
C ILE A 119 5.84 34.48 -25.12
N HIS A 120 6.48 34.31 -26.27
CA HIS A 120 6.87 33.05 -26.84
C HIS A 120 8.05 32.42 -26.09
N PHE A 121 8.85 33.24 -25.42
CA PHE A 121 9.96 32.80 -24.62
C PHE A 121 9.49 32.36 -23.23
N PHE A 122 8.53 33.11 -22.68
CA PHE A 122 7.97 32.78 -21.36
C PHE A 122 7.11 31.55 -21.40
N PHE A 123 6.48 31.28 -22.56
CA PHE A 123 5.74 30.05 -22.79
C PHE A 123 6.75 28.92 -22.72
N ALA A 124 7.92 29.09 -23.35
CA ALA A 124 8.98 28.10 -23.29
C ALA A 124 9.33 27.84 -21.83
N LYS A 125 9.68 28.89 -21.06
CA LYS A 125 9.98 28.74 -19.64
C LYS A 125 8.85 28.04 -18.90
N LEU A 126 7.62 28.53 -19.05
CA LEU A 126 6.45 27.94 -18.42
C LEU A 126 6.21 26.50 -18.84
N ASN A 127 6.32 26.21 -20.15
CA ASN A 127 6.15 24.86 -20.66
C ASN A 127 7.32 23.99 -20.23
N CYS A 128 8.53 24.56 -20.12
CA CYS A 128 9.69 23.85 -19.68
C CYS A 128 9.62 23.41 -18.22
N ARG A 129 9.22 24.30 -17.32
CA ARG A 129 9.10 23.98 -15.90
C ARG A 129 8.14 22.84 -15.65
N LEU A 130 6.92 22.93 -16.20
CA LEU A 130 5.90 21.91 -16.03
C LEU A 130 6.35 20.56 -16.56
N TYR A 131 6.98 20.52 -17.74
CA TYR A 131 7.45 19.27 -18.31
C TYR A 131 8.32 18.45 -17.42
N ARG A 132 9.31 19.01 -16.73
CA ARG A 132 10.16 18.25 -15.82
C ARG A 132 9.36 17.60 -14.70
N LYS A 133 8.58 18.40 -13.98
CA LYS A 133 7.75 17.92 -12.89
C LYS A 133 6.72 16.87 -13.34
N ALA A 134 5.99 17.19 -14.39
CA ALA A 134 4.96 16.31 -14.94
C ALA A 134 5.44 14.90 -15.15
N ASN A 135 6.31 14.67 -16.13
CA ASN A 135 6.90 13.40 -16.47
C ASN A 135 7.34 12.54 -15.33
N LYS A 136 7.80 13.03 -14.19
CA LYS A 136 8.18 12.34 -13.01
C LYS A 136 7.87 10.86 -12.99
N SER A 137 6.60 10.48 -12.98
CA SER A 137 6.18 9.10 -13.08
C SER A 137 4.92 9.02 -13.96
N SER A 138 4.40 10.20 -14.30
CA SER A 138 3.21 10.31 -15.15
C SER A 138 3.64 10.40 -16.62
N LYS A 139 2.81 9.85 -17.50
CA LYS A 139 3.08 9.86 -18.92
C LYS A 139 2.70 11.16 -19.60
N LEU A 140 3.70 11.91 -20.08
CA LEU A 140 3.46 13.16 -20.78
C LEU A 140 4.13 13.18 -22.14
N VAL A 141 3.36 12.89 -23.19
CA VAL A 141 3.83 12.88 -24.56
C VAL A 141 3.14 13.93 -25.42
N SER A 142 3.91 14.93 -25.83
CA SER A 142 3.40 16.03 -26.64
C SER A 142 3.87 15.95 -28.10
N ALA A 143 3.04 16.38 -29.04
CA ALA A 143 3.40 16.38 -30.45
C ALA A 143 2.77 17.58 -31.15
N ASN A 144 3.51 18.70 -31.24
CA ASN A 144 2.98 19.90 -31.85
C ASN A 144 3.92 20.66 -32.76
N ARG A 145 3.39 21.01 -33.94
CA ARG A 145 4.14 21.72 -34.97
C ARG A 145 3.20 22.45 -35.93
N LEU A 146 3.77 23.39 -36.66
CA LEU A 146 3.04 24.14 -37.68
C LEU A 146 3.54 23.63 -39.04
N PHE A 147 2.62 23.41 -39.97
CA PHE A 147 2.98 22.96 -41.31
C PHE A 147 2.52 24.04 -42.30
N GLY A 148 3.37 24.35 -43.26
CA GLY A 148 3.03 25.38 -44.26
C GLY A 148 3.43 24.88 -45.65
N ASP A 149 2.93 25.49 -46.71
CA ASP A 149 3.27 25.04 -48.06
C ASP A 149 4.75 25.06 -48.36
N LYS A 150 5.17 24.18 -49.29
CA LYS A 150 6.56 24.14 -49.75
C LYS A 150 6.80 25.36 -50.64
N SER A 151 5.78 25.74 -51.41
CA SER A 151 5.75 26.87 -52.29
C SER A 151 6.08 28.24 -51.76
N LEU A 152 6.01 28.52 -50.47
CA LEU A 152 6.33 29.80 -49.90
C LEU A 152 7.72 29.74 -49.24
N THR A 153 8.27 30.92 -48.96
CA THR A 153 9.60 31.01 -48.33
C THR A 153 9.45 31.71 -46.98
N PHE A 154 9.56 30.97 -45.89
CA PHE A 154 9.41 31.50 -44.55
C PHE A 154 10.57 32.29 -43.98
N ASN A 155 10.24 33.43 -43.37
CA ASN A 155 11.27 34.24 -42.69
C ASN A 155 12.02 33.29 -41.75
N GLU A 156 13.32 33.23 -41.96
CA GLU A 156 14.24 32.41 -41.21
C GLU A 156 14.48 32.77 -39.76
N THR A 157 14.41 34.06 -39.39
CA THR A 157 14.58 34.45 -37.99
C THR A 157 13.50 33.78 -37.17
N TYR A 158 12.25 33.89 -37.65
CA TYR A 158 11.11 33.20 -37.06
C TYR A 158 11.47 31.72 -36.84
N GLN A 159 11.89 31.04 -37.92
CA GLN A 159 12.28 29.66 -37.87
C GLN A 159 13.28 29.31 -36.79
N ASP A 160 14.35 30.07 -36.61
CA ASP A 160 15.31 29.76 -35.54
C ASP A 160 14.67 29.84 -34.18
N ILE A 161 13.96 30.93 -33.91
CA ILE A 161 13.24 31.13 -32.65
C ILE A 161 12.28 29.97 -32.38
N SER A 162 11.43 29.64 -33.35
CA SER A 162 10.50 28.54 -33.25
C SER A 162 11.14 27.22 -32.87
N GLU A 163 12.27 26.85 -33.47
CA GLU A 163 12.98 25.62 -33.17
C GLU A 163 13.52 25.54 -31.76
N LEU A 164 13.99 26.67 -31.23
CA LEU A 164 14.53 26.74 -29.87
C LEU A 164 13.36 26.67 -28.87
N VAL A 165 12.51 27.67 -28.92
CA VAL A 165 11.36 27.87 -28.10
C VAL A 165 10.17 26.96 -28.19
N TYR A 166 9.87 26.37 -29.33
CA TYR A 166 8.69 25.53 -29.49
C TYR A 166 9.00 24.07 -29.81
N GLY A 167 10.28 23.75 -30.00
CA GLY A 167 10.71 22.40 -30.26
C GLY A 167 11.13 22.08 -31.68
N ALA A 168 10.39 22.59 -32.66
CA ALA A 168 10.69 22.35 -34.06
C ALA A 168 10.29 23.57 -34.90
N LYS A 169 10.92 23.74 -36.06
CA LYS A 169 10.60 24.86 -36.93
C LYS A 169 9.47 24.48 -37.87
N LEU A 170 8.79 25.46 -38.44
CA LEU A 170 7.68 25.21 -39.35
C LEU A 170 8.10 24.22 -40.43
N GLN A 171 7.34 23.16 -40.65
CA GLN A 171 7.68 22.17 -41.66
C GLN A 171 6.90 22.35 -42.95
N PRO A 172 7.61 22.76 -44.01
CA PRO A 172 7.03 22.95 -45.32
C PRO A 172 6.60 21.66 -45.98
N LEU A 173 5.44 21.67 -46.65
CA LEU A 173 4.88 20.50 -47.32
C LEU A 173 4.01 20.94 -48.51
N ASP A 174 3.95 20.17 -49.58
CA ASP A 174 3.15 20.54 -50.74
C ASP A 174 1.67 20.25 -50.65
N PHE A 175 0.85 21.29 -50.53
CA PHE A 175 -0.61 21.12 -50.49
C PHE A 175 -1.17 21.38 -51.90
N LYS A 176 -0.47 22.26 -52.62
CA LYS A 176 -0.84 22.64 -53.97
C LYS A 176 -1.05 21.44 -54.88
N GLU A 177 -0.03 20.60 -55.03
CA GLU A 177 -0.12 19.42 -55.88
C GLU A 177 -0.34 18.13 -55.13
N ASN A 178 0.58 17.76 -54.24
CA ASN A 178 0.54 16.53 -53.49
C ASN A 178 -0.21 16.50 -52.17
N ALA A 179 -1.36 17.15 -52.06
CA ALA A 179 -2.18 17.26 -50.91
C ALA A 179 -2.15 16.18 -49.86
N GLU A 180 -2.91 15.09 -50.03
CA GLU A 180 -2.99 14.00 -49.10
C GLU A 180 -1.70 13.33 -48.71
N GLN A 181 -0.75 13.17 -49.64
CA GLN A 181 0.56 12.62 -49.33
C GLN A 181 1.15 13.38 -48.15
N SER A 182 1.22 14.70 -48.26
CA SER A 182 1.71 15.57 -47.20
C SER A 182 0.88 15.42 -45.93
N ARG A 183 -0.45 15.46 -46.07
CA ARG A 183 -1.38 15.26 -44.97
C ARG A 183 -1.14 13.96 -44.23
N ALA A 184 -0.97 12.87 -44.97
CA ALA A 184 -0.67 11.55 -44.44
C ALA A 184 0.63 11.54 -43.65
N ALA A 185 1.63 12.29 -44.11
CA ALA A 185 2.90 12.45 -43.42
C ALA A 185 2.68 13.14 -42.07
N ILE A 186 1.83 14.16 -42.04
CA ILE A 186 1.48 14.87 -40.84
C ILE A 186 0.90 13.94 -39.78
N ASN A 187 -0.09 13.12 -40.14
CA ASN A 187 -0.66 12.15 -39.19
C ASN A 187 0.43 11.19 -38.72
N LYS A 188 1.24 10.67 -39.65
CA LYS A 188 2.35 9.81 -39.36
C LYS A 188 3.36 10.40 -38.40
N TRP A 189 3.71 11.67 -38.56
CA TRP A 189 4.64 12.37 -37.68
C TRP A 189 4.14 12.37 -36.24
N VAL A 190 2.87 12.76 -36.06
CA VAL A 190 2.23 12.79 -34.77
C VAL A 190 2.28 11.45 -34.07
N SER A 191 1.93 10.36 -34.76
CA SER A 191 1.99 9.02 -34.21
C SER A 191 3.40 8.64 -33.79
N ASN A 192 4.39 8.94 -34.64
CA ASN A 192 5.79 8.67 -34.32
C ASN A 192 6.16 9.34 -33.00
N LYS A 193 5.91 10.64 -32.87
CA LYS A 193 6.22 11.41 -31.70
C LYS A 193 5.53 11.05 -30.40
N THR A 194 4.32 10.48 -30.43
CA THR A 194 3.56 10.13 -29.26
C THR A 194 3.54 8.64 -28.95
N GLU A 195 4.42 7.87 -29.57
CA GLU A 195 4.51 6.43 -29.39
C GLU A 195 3.29 5.67 -29.86
N GLY A 196 2.64 6.13 -30.93
CA GLY A 196 1.48 5.53 -31.52
C GLY A 196 0.18 5.71 -30.76
N ARG A 197 0.07 6.75 -29.92
CA ARG A 197 -1.09 6.98 -29.10
C ARG A 197 -2.10 7.96 -29.71
N ILE A 198 -1.58 8.98 -30.38
CA ILE A 198 -2.44 9.98 -31.02
C ILE A 198 -2.27 9.78 -32.53
N THR A 199 -3.26 9.14 -33.14
CA THR A 199 -3.19 8.87 -34.59
C THR A 199 -4.29 9.67 -35.23
N ASP A 200 -4.31 9.88 -36.53
CA ASP A 200 -5.42 10.55 -37.19
C ASP A 200 -5.81 11.92 -36.72
N VAL A 201 -4.84 12.79 -36.44
CA VAL A 201 -5.09 14.16 -35.99
C VAL A 201 -5.89 14.93 -37.04
N ILE A 202 -5.42 14.83 -38.29
CA ILE A 202 -6.07 15.48 -39.42
C ILE A 202 -6.89 14.44 -40.18
N PRO A 203 -8.21 14.55 -40.08
CA PRO A 203 -9.15 13.62 -40.64
C PRO A 203 -9.33 13.70 -42.15
N SER A 204 -10.15 12.78 -42.67
CA SER A 204 -10.43 12.67 -44.08
C SER A 204 -11.05 13.88 -44.73
N GLU A 205 -10.32 14.46 -45.70
CA GLU A 205 -10.72 15.63 -46.45
C GLU A 205 -10.52 16.95 -45.72
N ALA A 206 -9.66 17.00 -44.70
CA ALA A 206 -9.42 18.20 -43.92
C ALA A 206 -8.45 19.20 -44.53
N ILE A 207 -7.49 18.72 -45.29
CA ILE A 207 -6.50 19.56 -45.96
C ILE A 207 -6.72 19.29 -47.47
N ASN A 208 -6.52 20.29 -48.31
CA ASN A 208 -6.67 20.10 -49.75
C ASN A 208 -5.62 20.93 -50.47
N GLU A 209 -5.87 21.29 -51.73
CA GLU A 209 -4.96 22.11 -52.50
C GLU A 209 -4.91 23.58 -52.16
N LEU A 210 -5.86 24.11 -51.40
CA LEU A 210 -5.90 25.50 -51.00
C LEU A 210 -5.34 25.77 -49.61
N THR A 211 -5.00 24.69 -48.91
CA THR A 211 -4.42 24.78 -47.57
C THR A 211 -3.05 25.45 -47.66
N VAL A 212 -2.73 26.35 -46.73
CA VAL A 212 -1.45 27.01 -46.74
C VAL A 212 -0.66 26.83 -45.44
N LEU A 213 -1.38 26.72 -44.33
CA LEU A 213 -0.75 26.64 -43.01
C LEU A 213 -1.72 26.02 -42.02
N VAL A 214 -1.27 24.96 -41.35
CA VAL A 214 -2.09 24.26 -40.37
C VAL A 214 -1.32 24.23 -39.03
N LEU A 215 -2.05 24.39 -37.93
CA LEU A 215 -1.40 24.25 -36.62
C LEU A 215 -1.84 22.88 -36.09
N VAL A 216 -0.90 22.10 -35.60
CA VAL A 216 -1.22 20.79 -35.04
C VAL A 216 -0.67 20.79 -33.61
N ASN A 217 -1.51 20.45 -32.64
CA ASN A 217 -1.10 20.35 -31.25
C ASN A 217 -1.85 19.19 -30.63
N THR A 218 -1.10 18.22 -30.10
CA THR A 218 -1.66 17.00 -29.51
C THR A 218 -0.92 16.59 -28.26
N ILE A 219 -1.61 16.04 -27.24
CA ILE A 219 -1.00 15.59 -26.01
C ILE A 219 -1.69 14.31 -25.49
N TYR A 220 -0.90 13.37 -25.00
CA TYR A 220 -1.39 12.15 -24.37
C TYR A 220 -0.99 12.26 -22.88
N PHE A 221 -1.79 11.70 -21.97
CA PHE A 221 -1.45 11.69 -20.57
C PHE A 221 -2.06 10.51 -19.82
N LYS A 222 -1.29 9.99 -18.86
CA LYS A 222 -1.71 8.90 -17.98
C LYS A 222 -0.79 9.00 -16.76
N GLY A 223 -1.33 9.45 -15.63
CA GLY A 223 -0.53 9.67 -14.46
C GLY A 223 -0.45 8.57 -13.42
N LEU A 224 0.74 8.41 -12.83
CA LEU A 224 0.92 7.43 -11.76
C LEU A 224 0.27 7.97 -10.48
N TRP A 225 -0.82 7.31 -10.08
CA TRP A 225 -1.55 7.72 -8.88
C TRP A 225 -0.64 7.54 -7.66
N LYS A 226 -0.63 8.51 -6.77
CA LYS A 226 0.14 8.41 -5.52
C LYS A 226 -0.48 7.36 -4.62
N SER A 227 -1.81 7.26 -4.64
CA SER A 227 -2.58 6.27 -3.90
C SER A 227 -3.34 5.41 -4.92
N LYS A 228 -2.80 4.26 -5.27
CA LYS A 228 -3.41 3.41 -6.27
C LYS A 228 -4.65 2.67 -5.82
N PHE A 229 -5.53 2.42 -6.80
CA PHE A 229 -6.75 1.64 -6.54
C PHE A 229 -6.34 0.18 -6.85
N SER A 230 -6.91 -0.76 -6.11
CA SER A 230 -6.59 -2.16 -6.36
C SER A 230 -7.72 -2.70 -7.22
N PRO A 231 -7.36 -3.38 -8.31
CA PRO A 231 -8.30 -4.02 -9.20
C PRO A 231 -9.26 -4.97 -8.53
N GLU A 232 -8.89 -5.65 -7.44
CA GLU A 232 -9.77 -6.51 -6.68
C GLU A 232 -11.08 -5.85 -6.32
N ASN A 233 -11.08 -4.60 -5.87
CA ASN A 233 -12.25 -3.84 -5.52
C ASN A 233 -13.05 -3.25 -6.67
N THR A 234 -12.44 -3.09 -7.84
CA THR A 234 -13.16 -2.55 -9.01
C THR A 234 -14.42 -3.39 -9.21
N ARG A 235 -15.58 -2.74 -9.29
CA ARG A 235 -16.85 -3.43 -9.42
C ARG A 235 -17.65 -2.84 -10.60
N LYS A 236 -18.64 -3.57 -11.07
CA LYS A 236 -19.49 -3.01 -12.15
C LYS A 236 -20.61 -2.28 -11.39
N GLU A 237 -20.73 -0.99 -11.61
CA GLU A 237 -21.74 -0.20 -10.90
C GLU A 237 -22.42 0.78 -11.87
N LEU A 238 -23.65 1.17 -11.55
CA LEU A 238 -24.41 2.08 -12.37
C LEU A 238 -23.92 3.52 -12.33
N PHE A 239 -23.93 4.14 -13.52
CA PHE A 239 -23.56 5.55 -13.66
C PHE A 239 -24.84 6.24 -14.16
N TYR A 240 -25.14 7.42 -13.65
CA TYR A 240 -26.36 8.13 -14.04
C TYR A 240 -26.06 9.30 -14.95
N LYS A 241 -26.37 9.16 -16.25
CA LYS A 241 -26.11 10.21 -17.21
C LYS A 241 -27.20 11.24 -17.34
N ALA A 242 -26.86 12.42 -17.83
CA ALA A 242 -27.70 13.57 -18.05
C ALA A 242 -29.02 13.46 -18.74
N ASP A 243 -29.27 12.44 -19.54
CA ASP A 243 -30.49 12.16 -20.22
C ASP A 243 -31.50 11.36 -19.39
N GLY A 244 -31.23 11.07 -18.13
CA GLY A 244 -32.09 10.32 -17.27
C GLY A 244 -31.97 8.81 -17.32
N GLU A 245 -31.28 8.24 -18.30
CA GLU A 245 -31.11 6.80 -18.41
C GLU A 245 -29.87 6.40 -17.63
N SER A 246 -29.66 5.10 -17.48
CA SER A 246 -28.53 4.58 -16.73
C SER A 246 -27.48 3.86 -17.56
N CYS A 247 -26.35 3.63 -16.92
CA CYS A 247 -25.18 3.02 -17.59
C CYS A 247 -24.51 2.03 -16.63
N SER A 248 -23.54 1.29 -17.13
CA SER A 248 -22.81 0.31 -16.33
C SER A 248 -21.30 0.59 -16.46
N ALA A 249 -20.78 1.38 -15.53
CA ALA A 249 -19.38 1.76 -15.55
C ALA A 249 -18.56 0.77 -14.75
N SER A 250 -17.24 0.85 -14.85
CA SER A 250 -16.37 -0.04 -14.06
C SER A 250 -15.93 0.85 -12.88
N MET A 251 -16.58 0.70 -11.74
CA MET A 251 -16.31 1.56 -10.60
C MET A 251 -15.14 1.14 -9.74
N MET A 252 -14.21 2.07 -9.53
CA MET A 252 -13.03 1.84 -8.70
C MET A 252 -13.33 2.33 -7.28
N TYR A 253 -12.76 1.67 -6.29
CA TYR A 253 -13.02 2.06 -4.89
C TYR A 253 -11.76 2.08 -4.05
N GLN A 254 -11.75 2.91 -3.01
CA GLN A 254 -10.62 2.98 -2.09
C GLN A 254 -10.88 4.00 -0.98
N GLU A 255 -10.23 3.81 0.15
CA GLU A 255 -10.32 4.76 1.26
C GLU A 255 -8.87 5.25 1.46
N GLY A 256 -8.72 6.49 1.89
CA GLY A 256 -7.38 7.03 2.11
C GLY A 256 -7.49 8.47 2.57
N LYS A 257 -6.35 9.13 2.56
CA LYS A 257 -6.28 10.55 2.98
C LYS A 257 -6.11 11.39 1.72
N PHE A 258 -7.07 12.28 1.45
CA PHE A 258 -7.09 13.11 0.25
C PHE A 258 -7.62 14.51 0.62
N ARG A 259 -7.17 15.56 -0.05
CA ARG A 259 -7.69 16.89 0.26
C ARG A 259 -9.10 16.98 -0.33
N TYR A 260 -10.08 17.42 0.46
CA TYR A 260 -11.47 17.44 -0.01
C TYR A 260 -12.26 18.64 0.51
N ARG A 261 -13.35 18.95 -0.19
CA ARG A 261 -14.23 20.03 0.21
C ARG A 261 -15.66 19.90 -0.29
N ARG A 262 -16.60 20.14 0.63
CA ARG A 262 -18.02 20.25 0.25
C ARG A 262 -18.25 21.78 0.19
N VAL A 263 -18.65 22.25 -0.97
CA VAL A 263 -18.86 23.67 -1.19
C VAL A 263 -20.29 24.09 -1.48
N ALA A 264 -20.39 25.29 -2.08
CA ALA A 264 -21.57 25.98 -2.49
C ALA A 264 -22.60 25.20 -3.27
N GLU A 265 -23.70 24.87 -2.59
CA GLU A 265 -24.83 24.18 -3.16
C GLU A 265 -24.73 22.66 -3.15
N GLY A 266 -23.75 22.08 -2.48
CA GLY A 266 -23.59 20.64 -2.45
C GLY A 266 -22.48 20.11 -3.33
N THR A 267 -22.03 20.89 -4.31
CA THR A 267 -20.94 20.46 -5.20
C THR A 267 -19.79 19.93 -4.34
N GLN A 268 -19.20 18.83 -4.74
CA GLN A 268 -18.10 18.20 -4.01
C GLN A 268 -16.80 18.24 -4.79
N VAL A 269 -15.73 18.75 -4.16
CA VAL A 269 -14.42 18.83 -4.79
C VAL A 269 -13.45 17.83 -4.16
N LEU A 270 -12.78 17.04 -4.99
CA LEU A 270 -11.82 16.06 -4.50
C LEU A 270 -10.52 16.17 -5.30
N GLU A 271 -9.37 16.10 -4.62
CA GLU A 271 -8.09 16.17 -5.29
C GLU A 271 -7.25 14.91 -5.11
N LEU A 272 -7.05 14.17 -6.19
CA LEU A 272 -6.23 12.96 -6.16
C LEU A 272 -4.87 13.26 -6.82
N PRO A 273 -3.82 13.28 -6.00
CA PRO A 273 -2.49 13.61 -6.44
C PRO A 273 -1.70 12.48 -7.09
N PHE A 274 -0.84 12.88 -8.03
CA PHE A 274 0.01 11.93 -8.76
C PHE A 274 1.34 11.80 -8.04
N LYS A 275 2.09 10.73 -8.28
CA LYS A 275 3.36 10.54 -7.58
C LYS A 275 4.21 11.81 -7.65
N GLY A 276 4.53 12.38 -6.50
CA GLY A 276 5.33 13.59 -6.43
C GLY A 276 4.59 14.80 -5.93
N ASP A 277 3.27 14.86 -6.09
CA ASP A 277 2.44 15.96 -5.67
C ASP A 277 2.49 17.24 -6.49
N ASP A 278 3.36 17.35 -7.47
CA ASP A 278 3.51 18.50 -8.33
C ASP A 278 2.26 18.63 -9.20
N ILE A 279 1.92 17.54 -9.86
CA ILE A 279 0.73 17.50 -10.72
C ILE A 279 -0.35 16.68 -10.04
N THR A 280 -1.58 17.18 -10.04
CA THR A 280 -2.71 16.51 -9.41
C THR A 280 -3.97 16.62 -10.30
N MET A 281 -4.91 15.70 -10.09
CA MET A 281 -6.17 15.74 -10.83
C MET A 281 -7.29 16.12 -9.85
N VAL A 282 -8.05 17.15 -10.22
CA VAL A 282 -9.15 17.62 -9.38
C VAL A 282 -10.48 17.32 -10.06
N LEU A 283 -11.41 16.73 -9.31
CA LEU A 283 -12.74 16.41 -9.85
C LEU A 283 -13.80 17.29 -9.18
N ILE A 284 -14.73 17.80 -9.96
CA ILE A 284 -15.82 18.61 -9.40
C ILE A 284 -17.13 17.84 -9.64
N LEU A 285 -17.70 17.30 -8.57
CA LEU A 285 -18.93 16.51 -8.70
C LEU A 285 -20.08 17.27 -8.05
N PRO A 286 -21.09 17.60 -8.85
CA PRO A 286 -22.26 18.32 -8.35
C PRO A 286 -23.21 17.36 -7.66
N LYS A 287 -24.20 17.90 -6.97
CA LYS A 287 -25.19 17.02 -6.30
C LYS A 287 -26.03 16.43 -7.43
N PRO A 288 -26.84 15.42 -7.13
CA PRO A 288 -27.69 14.75 -8.09
C PRO A 288 -28.78 15.61 -8.70
N GLU A 289 -29.25 16.63 -8.01
CA GLU A 289 -30.28 17.53 -8.47
C GLU A 289 -29.68 18.58 -9.42
N LYS A 290 -28.54 19.14 -9.04
CA LYS A 290 -27.90 20.15 -9.88
C LYS A 290 -27.16 19.51 -11.05
N SER A 291 -27.66 19.78 -12.25
CA SER A 291 -27.02 19.26 -13.47
C SER A 291 -25.60 19.80 -13.53
N LEU A 292 -24.78 19.21 -14.41
CA LEU A 292 -23.41 19.67 -14.60
C LEU A 292 -23.34 20.90 -15.49
N ALA A 293 -24.39 21.16 -16.25
CA ALA A 293 -24.54 22.31 -17.11
C ALA A 293 -24.55 23.61 -16.31
N LYS A 294 -25.21 23.60 -15.15
CA LYS A 294 -25.24 24.75 -14.27
C LYS A 294 -23.81 25.03 -13.79
N VAL A 295 -23.15 24.01 -13.21
CA VAL A 295 -21.78 24.17 -12.77
C VAL A 295 -20.89 24.73 -13.85
N GLU A 296 -20.87 24.14 -15.05
CA GLU A 296 -20.09 24.68 -16.16
C GLU A 296 -20.32 26.17 -16.33
N LYS A 297 -21.58 26.59 -16.47
CA LYS A 297 -21.96 27.98 -16.57
C LYS A 297 -21.54 28.83 -15.39
N GLU A 298 -21.84 28.42 -14.16
CA GLU A 298 -21.48 29.15 -12.96
C GLU A 298 -20.00 29.17 -12.59
N LEU A 299 -19.19 28.26 -13.13
CA LEU A 299 -17.79 28.21 -12.83
C LEU A 299 -16.95 29.22 -13.59
N THR A 300 -16.40 30.16 -12.83
CA THR A 300 -15.49 31.19 -13.35
C THR A 300 -14.13 30.87 -12.71
N PRO A 301 -13.07 31.48 -13.22
CA PRO A 301 -11.73 31.28 -12.71
C PRO A 301 -11.57 31.60 -11.24
N GLU A 302 -12.11 32.71 -10.80
CA GLU A 302 -12.07 33.21 -9.45
C GLU A 302 -12.67 32.26 -8.44
N VAL A 303 -13.82 31.67 -8.75
CA VAL A 303 -14.49 30.69 -7.91
C VAL A 303 -13.68 29.41 -7.77
N LEU A 304 -13.13 28.93 -8.90
CA LEU A 304 -12.30 27.73 -8.90
C LEU A 304 -11.16 27.90 -7.89
N GLN A 305 -10.41 29.01 -8.02
CA GLN A 305 -9.35 29.30 -7.06
C GLN A 305 -9.94 29.27 -5.66
N GLU A 306 -10.97 30.08 -5.40
CA GLU A 306 -11.65 30.08 -4.11
C GLU A 306 -11.86 28.65 -3.62
N TRP A 307 -12.67 27.86 -4.33
CA TRP A 307 -12.91 26.47 -3.99
C TRP A 307 -11.63 25.72 -3.63
N LEU A 308 -10.69 25.64 -4.56
CA LEU A 308 -9.41 24.99 -4.37
C LEU A 308 -8.65 25.35 -3.12
N ASP A 309 -8.62 26.61 -2.73
CA ASP A 309 -7.98 27.11 -1.54
C ASP A 309 -8.60 26.61 -0.24
N GLU A 310 -9.90 26.32 -0.22
CA GLU A 310 -10.60 25.78 0.91
C GLU A 310 -10.52 24.26 1.05
N LEU A 311 -9.68 23.58 0.29
CA LEU A 311 -9.53 22.15 0.38
C LEU A 311 -8.89 21.79 1.73
N GLU A 312 -9.41 20.75 2.37
CA GLU A 312 -8.89 20.30 3.65
C GLU A 312 -8.55 18.80 3.56
N GLU A 313 -7.37 18.44 4.04
CA GLU A 313 -6.94 17.04 4.03
C GLU A 313 -7.96 16.22 4.84
N MET A 314 -8.25 14.99 4.41
CA MET A 314 -9.26 14.20 5.13
C MET A 314 -9.32 12.74 4.73
N MET A 315 -9.92 11.92 5.58
CA MET A 315 -10.07 10.48 5.33
C MET A 315 -11.49 10.23 4.82
N LEU A 316 -11.61 9.63 3.64
CA LEU A 316 -12.90 9.38 3.01
C LEU A 316 -12.86 8.19 2.06
N VAL A 317 -14.04 7.72 1.68
CA VAL A 317 -14.13 6.65 0.68
C VAL A 317 -14.13 7.34 -0.70
N VAL A 318 -13.53 6.72 -1.69
CA VAL A 318 -13.47 7.27 -3.03
C VAL A 318 -14.02 6.24 -4.03
N HIS A 319 -15.07 6.60 -4.73
CA HIS A 319 -15.60 5.76 -5.82
C HIS A 319 -15.29 6.63 -7.06
N MET A 320 -14.80 6.03 -8.10
CA MET A 320 -14.47 6.81 -9.32
C MET A 320 -14.40 5.79 -10.45
N PRO A 321 -15.06 6.09 -11.56
CA PRO A 321 -15.13 5.17 -12.68
C PRO A 321 -13.83 5.18 -13.46
N ARG A 322 -13.46 4.03 -14.07
CA ARG A 322 -12.26 4.03 -14.91
C ARG A 322 -12.75 4.49 -16.30
N PHE A 323 -12.01 5.39 -16.91
CA PHE A 323 -12.43 5.93 -18.21
C PHE A 323 -11.26 6.36 -19.07
N ARG A 324 -11.53 6.50 -20.35
CA ARG A 324 -10.57 6.97 -21.34
C ARG A 324 -11.32 8.03 -22.17
N ILE A 325 -10.71 9.17 -22.42
CA ILE A 325 -11.35 10.20 -23.22
C ILE A 325 -10.38 10.64 -24.34
N GLU A 326 -10.89 10.75 -25.55
CA GLU A 326 -10.08 11.21 -26.68
C GLU A 326 -10.85 12.26 -27.48
N ASP A 327 -10.29 13.46 -27.57
CA ASP A 327 -10.95 14.56 -28.27
C ASP A 327 -10.15 15.09 -29.45
N GLY A 328 -10.63 14.83 -30.65
CA GLY A 328 -10.00 15.38 -31.88
C GLY A 328 -10.95 16.48 -32.38
N PHE A 329 -10.46 17.71 -32.48
CA PHE A 329 -11.30 18.81 -32.93
C PHE A 329 -10.57 19.95 -33.59
N SER A 330 -11.31 20.71 -34.39
CA SER A 330 -10.79 21.86 -35.12
C SER A 330 -11.12 23.13 -34.36
N LEU A 331 -10.12 23.80 -33.80
CA LEU A 331 -10.28 25.02 -33.05
C LEU A 331 -10.84 26.22 -33.79
N LYS A 332 -10.77 26.26 -35.11
CA LYS A 332 -11.23 27.30 -35.98
C LYS A 332 -12.60 27.87 -35.77
N GLU A 333 -13.66 27.14 -36.14
CA GLU A 333 -15.03 27.63 -35.96
C GLU A 333 -15.20 28.29 -34.60
N GLN A 334 -14.99 27.52 -33.53
CA GLN A 334 -15.05 28.01 -32.18
C GLN A 334 -14.25 29.28 -31.96
N LEU A 335 -12.97 29.32 -32.33
CA LEU A 335 -12.17 30.52 -32.17
C LEU A 335 -12.73 31.72 -32.91
N GLN A 336 -13.17 31.52 -34.15
CA GLN A 336 -13.82 32.58 -34.93
C GLN A 336 -14.96 33.14 -34.10
N ASP A 337 -15.89 32.27 -33.69
CA ASP A 337 -16.97 32.64 -32.80
C ASP A 337 -16.52 33.53 -31.66
N MET A 338 -15.47 33.19 -30.90
CA MET A 338 -14.90 33.98 -29.87
C MET A 338 -14.24 35.30 -30.21
N GLY A 339 -14.14 35.71 -31.46
CA GLY A 339 -13.57 36.96 -31.85
C GLY A 339 -12.28 36.90 -32.64
N LEU A 340 -11.74 35.70 -32.85
CA LEU A 340 -10.50 35.55 -33.61
C LEU A 340 -10.82 35.32 -35.08
N VAL A 341 -11.00 36.42 -35.81
CA VAL A 341 -11.36 36.38 -37.21
C VAL A 341 -10.27 36.60 -38.23
N ASP A 342 -9.58 37.74 -38.24
CA ASP A 342 -8.56 38.03 -39.21
C ASP A 342 -7.61 36.92 -39.56
N LEU A 343 -7.03 36.20 -38.61
CA LEU A 343 -6.14 35.10 -38.78
C LEU A 343 -6.56 33.98 -39.72
N PHE A 344 -7.84 33.65 -39.79
CA PHE A 344 -8.36 32.62 -40.67
C PHE A 344 -8.87 33.18 -41.99
N SER A 345 -8.98 34.50 -42.06
CA SER A 345 -9.45 35.20 -43.24
C SER A 345 -8.30 35.53 -44.18
N PRO A 346 -8.32 34.93 -45.37
CA PRO A 346 -7.31 35.15 -46.39
C PRO A 346 -7.08 36.61 -46.72
N GLU A 347 -8.14 37.37 -46.98
CA GLU A 347 -8.06 38.78 -47.29
C GLU A 347 -7.50 39.63 -46.16
N LYS A 348 -7.95 39.43 -44.93
CA LYS A 348 -7.54 40.21 -43.79
C LYS A 348 -6.35 39.71 -42.99
N SER A 349 -5.98 38.44 -43.09
CA SER A 349 -4.89 37.90 -42.32
C SER A 349 -3.56 38.62 -42.50
N LYS A 350 -2.98 39.06 -41.39
CA LYS A 350 -1.72 39.77 -41.41
C LYS A 350 -0.68 39.23 -40.45
N LEU A 351 0.20 38.34 -40.94
CA LEU A 351 1.32 37.79 -40.20
C LEU A 351 2.61 37.97 -41.01
N PRO A 352 3.17 39.17 -41.02
CA PRO A 352 4.34 39.50 -41.77
C PRO A 352 5.67 38.99 -41.31
N GLY A 353 5.82 38.52 -40.07
CA GLY A 353 7.05 37.99 -39.55
C GLY A 353 7.28 36.53 -39.85
N ILE A 354 6.37 35.86 -40.55
CA ILE A 354 6.47 34.45 -40.88
C ILE A 354 6.84 34.19 -42.32
N VAL A 355 6.56 35.12 -43.25
CA VAL A 355 6.90 34.93 -44.63
C VAL A 355 8.06 35.76 -45.15
N ALA A 356 8.42 35.45 -46.40
CA ALA A 356 9.50 36.09 -47.12
C ALA A 356 9.66 37.55 -46.75
N GLU A 357 8.91 38.43 -47.42
CA GLU A 357 9.05 39.88 -47.22
C GLU A 357 7.69 40.46 -46.84
N GLY A 358 6.71 39.56 -46.70
CA GLY A 358 5.33 39.91 -46.36
C GLY A 358 4.48 39.89 -47.63
N ARG A 359 5.08 39.46 -48.73
CA ARG A 359 4.50 39.43 -50.04
C ARG A 359 3.43 38.37 -50.25
N ASP A 360 3.74 37.11 -49.94
CA ASP A 360 2.75 36.03 -50.08
C ASP A 360 1.82 36.11 -48.86
N ASP A 361 0.76 36.91 -48.96
CA ASP A 361 -0.18 37.07 -47.86
C ASP A 361 -0.58 35.71 -47.31
N LEU A 362 -0.03 35.38 -46.14
CA LEU A 362 -0.28 34.10 -45.50
C LEU A 362 -1.39 34.24 -44.47
N TYR A 363 -2.17 33.19 -44.32
CA TYR A 363 -3.30 33.15 -43.38
C TYR A 363 -3.34 31.76 -42.75
N VAL A 364 -4.14 31.53 -41.72
CA VAL A 364 -4.21 30.22 -41.09
C VAL A 364 -5.32 29.37 -41.70
N SER A 365 -4.95 28.29 -42.37
CA SER A 365 -5.94 27.41 -43.00
C SER A 365 -6.85 26.75 -41.97
N ASP A 366 -6.28 25.92 -41.11
CA ASP A 366 -7.04 25.26 -40.04
C ASP A 366 -6.15 25.17 -38.81
N ALA A 367 -6.69 24.66 -37.72
CA ALA A 367 -5.96 24.52 -36.46
C ALA A 367 -6.54 23.29 -35.75
N PHE A 368 -5.79 22.21 -35.76
CA PHE A 368 -6.22 20.96 -35.15
C PHE A 368 -5.59 20.70 -33.79
N HIS A 369 -6.39 20.22 -32.85
CA HIS A 369 -5.94 19.88 -31.50
C HIS A 369 -6.51 18.52 -31.09
N LYS A 370 -5.68 17.65 -30.54
CA LYS A 370 -6.16 16.33 -30.11
C LYS A 370 -5.55 15.88 -28.80
N ALA A 371 -6.37 15.42 -27.86
CA ALA A 371 -5.88 14.98 -26.55
C ALA A 371 -6.45 13.65 -26.11
N PHE A 372 -5.70 12.90 -25.29
CA PHE A 372 -6.14 11.59 -24.82
C PHE A 372 -5.86 11.43 -23.33
N LEU A 373 -6.88 11.14 -22.53
CA LEU A 373 -6.69 10.90 -21.11
C LEU A 373 -7.11 9.46 -20.79
N GLU A 374 -6.20 8.74 -20.14
CA GLU A 374 -6.50 7.36 -19.74
C GLU A 374 -6.46 7.36 -18.21
N VAL A 375 -7.50 6.84 -17.59
CA VAL A 375 -7.59 6.79 -16.14
C VAL A 375 -7.98 5.36 -15.74
N ASN A 376 -7.17 4.75 -14.88
CA ASN A 376 -7.44 3.40 -14.41
C ASN A 376 -6.93 3.24 -12.99
N GLU A 377 -6.73 2.01 -12.54
CA GLU A 377 -6.29 1.69 -11.21
C GLU A 377 -4.97 2.23 -10.75
N GLU A 378 -4.04 2.62 -11.61
CA GLU A 378 -2.77 3.16 -11.17
C GLU A 378 -2.04 4.02 -12.16
N GLY A 379 -2.64 4.25 -13.34
CA GLY A 379 -1.93 5.02 -14.39
C GLY A 379 -0.68 4.18 -14.74
N SER A 380 -0.94 2.92 -15.04
CA SER A 380 0.05 1.91 -15.28
C SER A 380 0.73 2.02 -16.63
N GLU A 381 2.06 1.90 -16.60
CA GLU A 381 2.88 1.94 -17.81
C GLU A 381 4.20 1.21 -17.54
N ALA A 382 4.40 0.82 -16.28
CA ALA A 382 5.61 0.11 -15.86
C ALA A 382 5.24 -1.30 -15.40
N ALA A 383 4.42 -1.37 -14.36
CA ALA A 383 3.98 -2.64 -13.80
C ALA A 383 2.83 -3.25 -14.60
N ALA A 384 2.71 -4.58 -14.49
CA ALA A 384 1.64 -5.32 -15.15
C ALA A 384 0.36 -5.21 -14.30
N SER A 385 0.54 -5.09 -12.99
CA SER A 385 -0.56 -4.96 -12.05
C SER A 385 -0.11 -4.67 -10.62
N THR A 386 -1.07 -4.51 -9.72
CA THR A 386 -0.84 -4.24 -8.30
C THR A 386 -2.13 -4.54 -7.51
N ALA A 387 -2.01 -4.99 -6.27
CA ALA A 387 -3.17 -5.24 -5.39
C ALA A 387 -2.86 -4.61 -4.04
N VAL A 388 -3.78 -4.36 -3.12
CA VAL A 388 -3.43 -3.70 -1.88
C VAL A 388 -3.66 -4.50 -0.62
N VAL A 389 -2.73 -4.43 0.34
CA VAL A 389 -2.88 -5.14 1.61
C VAL A 389 -2.71 -4.14 2.76
N ILE A 390 -3.84 -3.65 3.28
CA ILE A 390 -3.86 -2.72 4.39
C ILE A 390 -4.31 -3.44 5.67
N ALA A 391 -3.36 -3.77 6.51
CA ALA A 391 -3.68 -4.43 7.79
C ALA A 391 -3.55 -3.37 8.87
N GLY A 392 -4.39 -3.39 9.90
CA GLY A 392 -4.31 -2.43 10.99
C GLY A 392 -5.11 -1.16 10.80
N ARG A 393 -6.01 -1.12 9.83
CA ARG A 393 -6.83 0.07 9.58
C ARG A 393 -8.23 -0.10 10.15
N SER A 394 -8.74 0.98 10.72
CA SER A 394 -10.09 1.06 11.25
C SER A 394 -10.47 2.56 11.13
N LEU A 395 -11.30 2.88 10.15
CA LEU A 395 -11.67 4.27 9.92
C LEU A 395 -12.92 4.67 10.68
N ASN A 396 -13.11 5.98 10.83
CA ASN A 396 -14.29 6.50 11.54
C ASN A 396 -15.55 6.06 10.85
N PRO A 397 -16.50 5.54 11.65
CA PRO A 397 -17.80 5.10 11.17
C PRO A 397 -18.56 6.15 10.37
N ASN A 398 -18.52 7.41 10.79
CA ASN A 398 -19.18 8.50 10.11
C ASN A 398 -18.24 9.31 9.20
N ARG A 399 -17.55 8.67 8.26
CA ARG A 399 -16.65 9.36 7.36
C ARG A 399 -17.36 9.71 6.05
N VAL A 400 -16.92 10.79 5.40
CA VAL A 400 -17.51 11.24 4.15
C VAL A 400 -17.25 10.27 3.00
N THR A 401 -18.07 10.34 1.96
CA THR A 401 -17.92 9.44 0.82
C THR A 401 -18.11 10.17 -0.50
N PHE A 402 -17.14 10.00 -1.41
CA PHE A 402 -17.17 10.65 -2.73
C PHE A 402 -17.41 9.59 -3.80
N LYS A 403 -18.58 9.65 -4.43
CA LYS A 403 -18.98 8.67 -5.43
C LYS A 403 -19.39 9.30 -6.74
N ALA A 404 -18.50 9.31 -7.73
CA ALA A 404 -18.79 9.87 -9.05
C ALA A 404 -19.60 8.92 -9.92
N ASN A 405 -20.90 8.89 -9.71
CA ASN A 405 -21.82 8.04 -10.46
C ASN A 405 -22.81 8.88 -11.26
N ARG A 406 -22.39 10.10 -11.54
CA ARG A 406 -23.13 11.08 -12.32
C ARG A 406 -22.04 12.06 -12.81
N PRO A 407 -22.24 12.68 -13.95
CA PRO A 407 -21.25 13.55 -14.56
C PRO A 407 -20.40 14.38 -13.64
N PHE A 408 -19.17 14.68 -14.07
CA PHE A 408 -18.24 15.47 -13.28
C PHE A 408 -17.11 16.10 -14.10
N LEU A 409 -16.59 17.24 -13.61
CA LEU A 409 -15.50 17.93 -14.29
C LEU A 409 -14.14 17.38 -13.88
N VAL A 410 -13.18 17.46 -14.78
CA VAL A 410 -11.82 16.97 -14.55
C VAL A 410 -10.82 18.11 -14.81
N PHE A 411 -9.88 18.31 -13.91
CA PHE A 411 -8.85 19.33 -14.06
C PHE A 411 -7.49 18.74 -13.67
N ILE A 412 -6.50 18.86 -14.52
CA ILE A 412 -5.15 18.39 -14.19
C ILE A 412 -4.28 19.64 -14.07
N ARG A 413 -3.65 19.87 -12.92
CA ARG A 413 -2.87 21.08 -12.75
C ARG A 413 -1.55 20.94 -12.02
N GLU A 414 -0.66 21.92 -12.26
CA GLU A 414 0.62 21.93 -11.49
C GLU A 414 0.16 22.58 -10.18
N VAL A 415 0.50 22.02 -9.04
CA VAL A 415 0.04 22.51 -7.76
C VAL A 415 0.49 23.87 -7.33
N PRO A 416 1.80 24.05 -7.11
CA PRO A 416 2.36 25.31 -6.64
C PRO A 416 1.87 26.50 -7.45
N LEU A 417 2.09 26.48 -8.76
CA LEU A 417 1.68 27.52 -9.66
C LEU A 417 0.20 27.58 -9.96
N ASN A 418 -0.48 26.43 -9.98
CA ASN A 418 -1.90 26.35 -10.25
C ASN A 418 -2.32 26.39 -11.70
N THR A 419 -1.42 26.02 -12.60
CA THR A 419 -1.68 26.02 -14.03
C THR A 419 -2.63 24.92 -14.47
N ILE A 420 -3.69 25.30 -15.18
CA ILE A 420 -4.60 24.28 -15.73
C ILE A 420 -3.90 23.73 -16.99
N ILE A 421 -3.42 22.50 -16.87
CA ILE A 421 -2.71 21.86 -17.98
C ILE A 421 -3.69 21.12 -18.87
N PHE A 422 -4.64 20.40 -18.27
CA PHE A 422 -5.68 19.69 -18.98
C PHE A 422 -7.01 19.98 -18.23
N MET A 423 -8.09 19.98 -18.99
CA MET A 423 -9.42 20.16 -18.40
C MET A 423 -10.37 19.33 -19.26
N GLY A 424 -11.39 18.76 -18.66
CA GLY A 424 -12.31 17.91 -19.43
C GLY A 424 -13.53 17.58 -18.57
N ARG A 425 -14.40 16.77 -19.15
CA ARG A 425 -15.65 16.41 -18.45
C ARG A 425 -15.97 14.95 -18.73
N VAL A 426 -16.23 14.20 -17.66
CA VAL A 426 -16.58 12.79 -17.78
C VAL A 426 -18.11 12.69 -17.64
N ALA A 427 -18.79 12.60 -18.77
CA ALA A 427 -20.25 12.53 -18.77
C ALA A 427 -20.77 11.15 -19.11
N ASN A 428 -19.87 10.23 -19.45
CA ASN A 428 -20.22 8.86 -19.77
C ASN A 428 -18.98 7.97 -19.88
N PRO A 429 -18.73 7.22 -18.82
CA PRO A 429 -17.61 6.29 -18.77
C PRO A 429 -17.95 4.83 -19.02
N CYS A 430 -18.94 4.53 -19.85
CA CYS A 430 -19.29 3.14 -20.11
C CYS A 430 -18.93 2.68 -21.51
N VAL A 431 -18.92 1.35 -21.66
CA VAL A 431 -18.61 0.70 -22.93
C VAL A 431 -19.59 1.20 -24.00
N VAL B 5 28.84 -37.07 23.71
CA VAL B 5 28.92 -35.81 22.99
C VAL B 5 27.56 -35.19 22.76
N ASP B 6 27.40 -34.53 21.62
CA ASP B 6 26.22 -33.85 21.18
C ASP B 6 24.97 -34.69 21.00
N ILE B 7 23.84 -34.12 21.43
CA ILE B 7 22.52 -34.70 21.11
C ILE B 7 22.14 -34.25 19.71
N CYS B 8 22.79 -33.19 19.22
CA CYS B 8 22.72 -32.63 17.92
C CYS B 8 23.32 -33.48 16.82
N THR B 9 24.25 -34.37 17.13
CA THR B 9 24.84 -35.26 16.14
C THR B 9 24.42 -36.72 16.47
N ALA B 10 24.07 -36.93 17.74
CA ALA B 10 23.72 -38.21 18.25
C ALA B 10 22.47 -38.89 17.70
N LYS B 11 22.37 -40.18 18.06
CA LYS B 11 21.25 -41.04 17.70
C LYS B 11 20.80 -41.75 18.96
N PRO B 12 19.52 -42.14 19.01
CA PRO B 12 18.92 -42.81 20.14
C PRO B 12 19.75 -43.84 20.84
N ARG B 13 20.43 -44.75 20.14
CA ARG B 13 21.32 -45.72 20.72
C ARG B 13 22.59 -45.14 21.28
N ASP B 14 23.06 -44.00 20.77
CA ASP B 14 24.23 -43.30 21.26
C ASP B 14 24.04 -42.89 22.73
N ILE B 15 22.92 -42.25 23.03
CA ILE B 15 22.60 -41.84 24.38
C ILE B 15 21.39 -42.61 24.92
N PRO B 16 21.67 -43.70 25.63
CA PRO B 16 20.61 -44.53 26.23
C PRO B 16 19.93 -43.74 27.34
N MET B 17 18.65 -43.32 27.21
CA MET B 17 18.00 -42.47 28.17
C MET B 17 16.56 -42.65 28.60
N ASN B 18 15.73 -43.30 27.82
CA ASN B 18 14.34 -43.60 28.09
C ASN B 18 13.89 -43.29 29.51
N PRO B 19 12.90 -42.40 29.65
CA PRO B 19 12.38 -41.97 30.91
C PRO B 19 11.73 -43.01 31.79
N MET B 20 11.36 -42.57 33.01
CA MET B 20 10.71 -43.39 34.01
C MET B 20 9.44 -44.07 33.51
N CYS B 21 8.38 -43.30 33.31
CA CYS B 21 7.11 -43.86 32.90
C CYS B 21 6.89 -43.81 31.40
N ILE B 22 6.03 -44.70 30.91
CA ILE B 22 5.73 -44.78 29.47
C ILE B 22 4.22 -44.93 29.28
N TYR B 23 3.76 -44.34 28.19
CA TYR B 23 2.33 -44.34 27.85
C TYR B 23 2.02 -45.46 26.89
N ARG B 24 0.80 -46.00 26.96
CA ARG B 24 0.38 -47.08 26.09
C ARG B 24 0.29 -46.62 24.63
N SER B 25 -0.01 -47.58 23.77
CA SER B 25 -0.19 -47.30 22.33
C SER B 25 -1.69 -47.43 22.08
N PRO B 26 -2.30 -46.37 21.56
CA PRO B 26 -3.72 -46.30 21.33
C PRO B 26 -4.34 -47.38 20.47
N GLU B 27 -5.68 -47.40 20.44
CA GLU B 27 -6.44 -48.37 19.65
C GLU B 27 -6.28 -48.09 18.16
N GLU B 32 -0.53 -42.76 14.00
CA GLU B 32 -0.67 -43.12 12.59
C GLU B 32 -1.82 -42.37 11.93
N ASP B 33 -1.54 -41.13 11.52
CA ASP B 33 -2.59 -40.35 10.83
C ASP B 33 -2.77 -41.05 9.48
N GLU B 34 -3.97 -41.58 9.25
CA GLU B 34 -4.29 -42.35 8.08
C GLU B 34 -4.21 -41.61 6.76
N GLY B 35 -3.06 -41.70 6.10
CA GLY B 35 -2.83 -41.03 4.83
C GLY B 35 -1.87 -39.86 5.06
N SER B 36 -0.62 -40.19 5.35
CA SER B 36 0.41 -39.20 5.63
C SER B 36 0.41 -38.02 4.67
N GLU B 37 0.39 -36.81 5.23
CA GLU B 37 0.39 -35.60 4.42
C GLU B 37 1.61 -34.73 4.66
N GLN B 38 1.92 -33.88 3.68
CA GLN B 38 3.01 -32.94 3.72
C GLN B 38 4.40 -33.50 3.57
N LYS B 39 4.68 -34.26 2.52
CA LYS B 39 6.00 -34.84 2.33
C LYS B 39 7.13 -33.96 2.85
N ILE B 40 8.03 -34.61 3.61
CA ILE B 40 9.16 -33.98 4.23
C ILE B 40 10.19 -33.42 3.23
N PRO B 41 10.68 -32.23 3.58
CA PRO B 41 11.75 -31.58 2.84
C PRO B 41 13.03 -32.43 2.84
N GLU B 42 13.98 -32.00 2.01
CA GLU B 42 15.26 -32.66 1.86
C GLU B 42 16.12 -32.62 3.11
N ALA B 43 17.03 -33.58 3.25
CA ALA B 43 17.91 -33.70 4.40
C ALA B 43 17.22 -33.44 5.72
N THR B 44 16.11 -34.14 6.00
CA THR B 44 15.32 -33.95 7.20
C THR B 44 14.80 -35.30 7.72
N ASN B 45 15.14 -35.58 8.98
CA ASN B 45 14.71 -36.83 9.60
C ASN B 45 13.21 -36.95 9.68
N ARG B 46 12.62 -37.98 9.06
CA ARG B 46 11.19 -38.24 9.14
C ARG B 46 10.61 -37.90 10.51
N ARG B 47 11.10 -38.51 11.57
CA ARG B 47 10.71 -38.28 12.93
C ARG B 47 10.66 -36.85 13.40
N VAL B 48 11.65 -36.03 13.09
CA VAL B 48 11.64 -34.62 13.48
C VAL B 48 10.41 -33.93 12.89
N TRP B 49 10.23 -34.07 11.58
CA TRP B 49 9.10 -33.54 10.85
C TRP B 49 7.75 -33.89 11.41
N GLU B 50 7.57 -35.11 11.89
CA GLU B 50 6.37 -35.62 12.52
C GLU B 50 6.09 -34.86 13.84
N LEU B 51 7.17 -34.60 14.60
CA LEU B 51 7.07 -33.82 15.81
C LEU B 51 6.62 -32.41 15.48
N SER B 52 7.18 -31.83 14.41
CA SER B 52 6.82 -30.51 13.92
C SER B 52 5.33 -30.43 13.61
N LYS B 53 4.77 -31.48 13.01
CA LYS B 53 3.36 -31.62 12.77
C LYS B 53 2.57 -31.76 14.07
N ALA B 54 3.11 -32.45 15.06
CA ALA B 54 2.45 -32.62 16.35
C ALA B 54 2.25 -31.28 17.05
N ASN B 55 3.32 -30.47 17.13
CA ASN B 55 3.26 -29.15 17.70
C ASN B 55 2.32 -28.21 16.95
N SER B 56 2.27 -28.30 15.61
CA SER B 56 1.38 -27.50 14.81
C SER B 56 -0.07 -27.82 15.03
N ARG B 57 -0.42 -29.07 15.32
CA ARG B 57 -1.77 -29.48 15.65
C ARG B 57 -2.15 -28.93 17.04
N PHE B 58 -1.17 -28.84 17.95
CA PHE B 58 -1.39 -28.23 19.25
C PHE B 58 -1.57 -26.71 19.11
N ALA B 59 -0.71 -26.09 18.30
CA ALA B 59 -0.76 -24.65 18.08
C ALA B 59 -2.16 -24.19 17.66
N THR B 60 -2.66 -24.75 16.56
CA THR B 60 -3.99 -24.41 16.07
C THR B 60 -5.08 -24.73 17.07
N THR B 61 -5.10 -25.93 17.65
CA THR B 61 -6.09 -26.31 18.64
C THR B 61 -6.10 -25.42 19.88
N PHE B 62 -4.93 -25.19 20.45
CA PHE B 62 -4.80 -24.32 21.62
C PHE B 62 -5.37 -22.94 21.32
N TYR B 63 -4.95 -22.33 20.21
CA TYR B 63 -5.46 -21.04 19.79
C TYR B 63 -6.99 -21.04 19.76
N GLN B 64 -7.59 -22.02 19.11
CA GLN B 64 -9.03 -22.21 19.12
C GLN B 64 -9.65 -22.03 20.48
N HIS B 65 -9.18 -22.69 21.53
CA HIS B 65 -9.71 -22.49 22.87
C HIS B 65 -9.39 -21.07 23.37
N LEU B 66 -8.16 -20.60 23.15
CA LEU B 66 -7.74 -19.29 23.56
C LEU B 66 -8.57 -18.16 23.00
N ALA B 67 -8.78 -18.17 21.68
CA ALA B 67 -9.57 -17.20 20.96
C ALA B 67 -11.04 -17.25 21.33
N ASP B 68 -11.54 -18.41 21.75
CA ASP B 68 -12.89 -18.63 22.19
C ASP B 68 -13.15 -18.01 23.56
N SER B 69 -12.12 -17.92 24.41
CA SER B 69 -12.22 -17.36 25.74
C SER B 69 -11.93 -15.88 25.87
N LYS B 70 -11.74 -15.17 24.77
CA LYS B 70 -11.46 -13.74 24.76
C LYS B 70 -12.53 -13.06 23.91
N ASN B 71 -12.59 -11.73 23.99
CA ASN B 71 -13.56 -11.00 23.12
C ASN B 71 -12.94 -11.07 21.73
N ASP B 72 -13.68 -11.01 20.64
CA ASP B 72 -13.13 -11.03 19.30
C ASP B 72 -12.32 -9.82 18.88
N ASN B 73 -12.35 -8.76 19.65
CA ASN B 73 -11.71 -7.50 19.47
C ASN B 73 -10.53 -7.33 20.40
N ASP B 74 -10.02 -8.45 20.91
CA ASP B 74 -8.89 -8.52 21.80
C ASP B 74 -7.62 -8.95 21.02
N ASN B 75 -6.48 -8.57 21.57
CA ASN B 75 -5.19 -8.98 21.02
C ASN B 75 -4.83 -10.34 21.62
N ILE B 76 -4.30 -11.24 20.82
CA ILE B 76 -3.88 -12.55 21.29
C ILE B 76 -2.43 -12.71 20.79
N PHE B 77 -1.50 -13.10 21.64
CA PHE B 77 -0.14 -13.31 21.22
C PHE B 77 0.53 -14.38 22.09
N LEU B 78 1.03 -15.41 21.42
CA LEU B 78 1.70 -16.50 22.12
C LEU B 78 2.77 -17.13 21.21
N SER B 79 3.51 -18.04 21.81
CA SER B 79 4.53 -18.82 21.12
C SER B 79 4.16 -20.25 21.57
N PRO B 80 3.48 -20.97 20.69
CA PRO B 80 3.06 -22.34 20.95
C PRO B 80 4.22 -23.31 21.07
N LEU B 81 5.35 -23.01 20.42
CA LEU B 81 6.55 -23.82 20.51
C LEU B 81 6.97 -23.84 21.99
N SER B 82 7.21 -22.66 22.56
CA SER B 82 7.57 -22.52 23.96
C SER B 82 6.68 -23.32 24.88
N ILE B 83 5.35 -23.15 24.76
CA ILE B 83 4.39 -23.92 25.53
C ILE B 83 4.67 -25.41 25.38
N SER B 84 4.79 -25.92 24.16
CA SER B 84 5.09 -27.32 23.90
C SER B 84 6.40 -27.77 24.55
N THR B 85 7.48 -27.01 24.37
CA THR B 85 8.77 -27.34 24.97
C THR B 85 8.66 -27.51 26.49
N ALA B 86 8.11 -26.51 27.18
CA ALA B 86 7.92 -26.54 28.61
C ALA B 86 7.12 -27.71 29.11
N PHE B 87 5.99 -28.04 28.47
CA PHE B 87 5.19 -29.19 28.88
C PHE B 87 5.88 -30.51 28.62
N ALA B 88 6.71 -30.57 27.58
CA ALA B 88 7.49 -31.76 27.25
C ALA B 88 8.50 -31.97 28.38
N MET B 89 9.14 -30.90 28.85
CA MET B 89 10.04 -30.94 29.99
C MET B 89 9.29 -31.46 31.22
N THR B 90 8.09 -30.91 31.43
CA THR B 90 7.19 -31.34 32.50
C THR B 90 6.90 -32.81 32.34
N LYS B 91 6.59 -33.28 31.14
CA LYS B 91 6.35 -34.67 30.81
C LYS B 91 7.36 -35.66 31.28
N LEU B 92 8.65 -35.34 31.38
CA LEU B 92 9.68 -36.20 31.91
C LEU B 92 9.27 -36.89 33.21
N GLY B 93 8.78 -36.14 34.19
CA GLY B 93 8.33 -36.66 35.45
C GLY B 93 6.91 -37.19 35.49
N ALA B 94 6.14 -37.10 34.41
CA ALA B 94 4.78 -37.58 34.37
C ALA B 94 4.70 -39.10 34.25
N CYS B 95 3.57 -39.63 34.69
CA CYS B 95 3.34 -41.08 34.68
C CYS B 95 1.84 -41.37 34.76
N ASN B 96 1.44 -42.57 34.37
CA ASN B 96 0.03 -42.97 34.47
C ASN B 96 -0.87 -42.06 33.66
N ASP B 97 -1.99 -41.61 34.24
CA ASP B 97 -2.94 -40.75 33.59
C ASP B 97 -2.54 -39.32 33.37
N THR B 98 -1.59 -38.81 34.16
CA THR B 98 -1.08 -37.45 34.00
C THR B 98 -0.25 -37.38 32.72
N LEU B 99 0.48 -38.45 32.41
CA LEU B 99 1.30 -38.57 31.23
C LEU B 99 0.49 -38.83 29.97
N GLN B 100 -0.57 -39.61 30.06
CA GLN B 100 -1.43 -39.89 28.90
C GLN B 100 -2.09 -38.59 28.46
N GLN B 101 -2.66 -37.86 29.44
CA GLN B 101 -3.31 -36.59 29.21
C GLN B 101 -2.38 -35.59 28.53
N LEU B 102 -1.14 -35.47 29.02
CA LEU B 102 -0.16 -34.60 28.37
C LEU B 102 0.08 -35.11 26.95
N MET B 103 0.29 -36.43 26.81
CA MET B 103 0.51 -37.01 25.50
C MET B 103 -0.58 -36.64 24.52
N GLU B 104 -1.85 -36.88 24.83
CA GLU B 104 -2.95 -36.51 23.96
C GLU B 104 -3.09 -35.02 23.73
N VAL B 105 -3.23 -34.23 24.80
CA VAL B 105 -3.37 -32.80 24.72
C VAL B 105 -2.42 -32.11 23.79
N PHE B 106 -1.12 -32.44 23.83
CA PHE B 106 -0.12 -31.86 22.98
C PHE B 106 0.04 -32.50 21.64
N LYS B 107 -0.79 -33.48 21.29
CA LYS B 107 -0.82 -34.20 20.05
C LYS B 107 0.32 -35.19 19.86
N PHE B 108 1.03 -35.54 20.93
CA PHE B 108 2.15 -36.43 20.93
C PHE B 108 1.85 -37.88 20.61
N ASP B 109 0.60 -38.31 20.76
CA ASP B 109 0.11 -39.62 20.46
C ASP B 109 -0.45 -39.75 19.05
N THR B 110 -0.48 -38.64 18.30
CA THR B 110 -0.97 -38.63 16.93
C THR B 110 0.12 -38.83 15.90
N ILE B 111 1.20 -39.51 16.27
CA ILE B 111 2.34 -39.82 15.46
C ILE B 111 2.82 -41.26 15.73
N SER B 112 3.71 -41.75 14.89
CA SER B 112 4.25 -43.08 14.98
C SER B 112 4.73 -43.55 16.34
N GLU B 113 4.71 -44.87 16.55
CA GLU B 113 5.14 -45.50 17.78
C GLU B 113 6.50 -45.04 18.28
N LYS B 114 7.54 -45.20 17.47
CA LYS B 114 8.88 -44.81 17.87
C LYS B 114 9.01 -43.35 18.22
N THR B 115 8.53 -42.43 17.37
CA THR B 115 8.56 -41.01 17.67
C THR B 115 7.82 -40.69 18.96
N SER B 116 6.63 -41.26 19.13
CA SER B 116 5.84 -41.13 20.35
C SER B 116 6.60 -41.54 21.59
N ASP B 117 7.28 -42.70 21.55
CA ASP B 117 8.10 -43.20 22.62
C ASP B 117 9.44 -42.52 22.81
N GLN B 118 9.84 -41.57 21.97
CA GLN B 118 11.08 -40.87 22.04
C GLN B 118 10.89 -39.35 21.87
N ILE B 119 9.79 -38.81 22.41
CA ILE B 119 9.50 -37.40 22.31
C ILE B 119 10.69 -36.49 22.58
N HIS B 120 11.24 -36.51 23.78
CA HIS B 120 12.37 -35.67 24.15
C HIS B 120 13.52 -35.67 23.18
N PHE B 121 14.02 -36.84 22.79
CA PHE B 121 15.13 -36.95 21.86
C PHE B 121 14.89 -36.17 20.57
N PHE B 122 13.72 -36.38 19.95
CA PHE B 122 13.34 -35.69 18.73
C PHE B 122 13.14 -34.22 18.92
N PHE B 123 12.70 -33.79 20.12
CA PHE B 123 12.55 -32.39 20.45
C PHE B 123 13.93 -31.75 20.46
N ALA B 124 14.93 -32.44 21.04
CA ALA B 124 16.31 -31.97 21.01
C ALA B 124 16.78 -31.84 19.55
N LYS B 125 16.49 -32.87 18.74
CA LYS B 125 16.81 -32.85 17.32
C LYS B 125 16.17 -31.64 16.66
N LEU B 126 14.83 -31.53 16.76
CA LEU B 126 14.09 -30.40 16.23
C LEU B 126 14.64 -29.07 16.72
N ASN B 127 14.99 -28.96 18.02
CA ASN B 127 15.59 -27.77 18.55
C ASN B 127 16.98 -27.52 17.99
N CYS B 128 17.77 -28.58 17.75
CA CYS B 128 19.09 -28.41 17.12
C CYS B 128 18.91 -27.69 15.79
N ARG B 129 17.97 -28.17 14.96
CA ARG B 129 17.64 -27.56 13.70
C ARG B 129 17.14 -26.13 13.82
N LEU B 130 16.35 -25.77 14.83
CA LEU B 130 15.84 -24.43 14.98
C LEU B 130 16.87 -23.39 15.37
N TYR B 131 17.53 -23.58 16.51
CA TYR B 131 18.48 -22.64 17.07
C TYR B 131 19.94 -22.84 16.75
N ARG B 132 20.37 -24.05 16.42
CA ARG B 132 21.77 -24.33 16.17
C ARG B 132 22.09 -24.60 14.70
N LYS B 133 21.70 -23.69 13.82
CA LYS B 133 21.99 -23.87 12.39
C LYS B 133 23.04 -22.91 11.90
N ALA B 134 24.02 -23.43 11.17
CA ALA B 134 25.16 -22.75 10.64
C ALA B 134 25.04 -21.63 9.66
N ASN B 135 23.87 -21.24 9.20
CA ASN B 135 23.66 -20.17 8.26
C ASN B 135 22.62 -19.15 8.71
N LYS B 136 22.82 -18.64 9.91
CA LYS B 136 21.96 -17.63 10.53
C LYS B 136 21.76 -16.41 9.63
N SER B 137 20.53 -15.99 9.45
CA SER B 137 20.25 -14.77 8.67
C SER B 137 19.59 -13.87 9.75
N SER B 138 18.66 -14.53 10.44
CA SER B 138 17.94 -13.93 11.55
C SER B 138 18.30 -14.72 12.83
N LYS B 139 18.21 -14.02 13.95
CA LYS B 139 18.52 -14.60 15.25
C LYS B 139 17.30 -15.32 15.83
N LEU B 140 17.46 -16.59 16.17
CA LEU B 140 16.44 -17.39 16.78
C LEU B 140 17.12 -18.31 17.80
N VAL B 141 16.99 -17.92 19.07
CA VAL B 141 17.60 -18.64 20.18
C VAL B 141 16.55 -19.11 21.20
N SER B 142 16.99 -20.02 22.06
CA SER B 142 16.14 -20.58 23.10
C SER B 142 16.98 -20.99 24.32
N ALA B 143 16.35 -20.91 25.48
CA ALA B 143 17.00 -21.27 26.73
C ALA B 143 15.97 -21.88 27.68
N ASN B 144 16.31 -23.04 28.22
CA ASN B 144 15.41 -23.75 29.13
C ASN B 144 16.03 -23.80 30.53
N ARG B 145 15.20 -24.14 31.52
CA ARG B 145 15.70 -24.18 32.89
C ARG B 145 14.76 -24.74 33.92
N LEU B 146 15.36 -25.28 34.98
CA LEU B 146 14.69 -25.84 36.13
C LEU B 146 15.18 -25.04 37.37
N PHE B 147 14.20 -24.61 38.14
CA PHE B 147 14.42 -23.84 39.37
C PHE B 147 13.76 -24.68 40.48
N GLY B 148 14.56 -25.28 41.34
CA GLY B 148 14.03 -26.14 42.39
C GLY B 148 14.44 -25.73 43.79
N ASP B 149 13.58 -26.02 44.77
CA ASP B 149 13.79 -25.68 46.16
C ASP B 149 15.11 -26.17 46.73
N LYS B 150 15.84 -25.27 47.38
CA LYS B 150 17.12 -25.50 47.99
C LYS B 150 17.26 -26.67 48.95
N SER B 151 16.24 -27.03 49.71
CA SER B 151 16.31 -28.12 50.66
C SER B 151 15.95 -29.49 50.12
N LEU B 152 15.34 -29.57 48.94
CA LEU B 152 14.95 -30.85 48.38
C LEU B 152 16.09 -31.60 47.71
N THR B 153 15.86 -32.90 47.50
CA THR B 153 16.79 -33.77 46.79
C THR B 153 16.07 -34.26 45.52
N PHE B 154 16.50 -33.74 44.38
CA PHE B 154 15.90 -34.09 43.11
C PHE B 154 16.49 -35.36 42.51
N ASN B 155 15.73 -35.97 41.62
CA ASN B 155 16.18 -37.20 40.94
C ASN B 155 17.32 -36.85 40.01
N GLU B 156 18.48 -37.47 40.22
CA GLU B 156 19.68 -37.26 39.44
C GLU B 156 19.53 -37.58 37.96
N THR B 157 18.80 -38.65 37.63
CA THR B 157 18.54 -38.99 36.23
C THR B 157 17.71 -37.86 35.63
N TYR B 158 16.62 -37.50 36.32
CA TYR B 158 15.75 -36.41 35.92
C TYR B 158 16.57 -35.16 35.58
N GLN B 159 17.44 -34.72 36.48
CA GLN B 159 18.30 -33.58 36.18
C GLN B 159 19.04 -33.85 34.87
N ASP B 160 19.90 -34.87 34.85
CA ASP B 160 20.67 -35.25 33.70
C ASP B 160 19.96 -35.29 32.38
N ILE B 161 18.80 -35.94 32.28
CA ILE B 161 18.02 -35.98 31.05
C ILE B 161 17.54 -34.61 30.63
N SER B 162 17.15 -33.77 31.60
CA SER B 162 16.71 -32.42 31.41
C SER B 162 17.83 -31.45 31.03
N GLU B 163 19.05 -31.75 31.42
CA GLU B 163 20.19 -30.90 31.09
C GLU B 163 20.67 -31.30 29.68
N LEU B 164 20.73 -32.62 29.48
CA LEU B 164 21.16 -33.20 28.23
C LEU B 164 20.21 -32.97 27.06
N VAL B 165 18.93 -33.28 27.25
CA VAL B 165 17.93 -33.13 26.20
C VAL B 165 17.49 -31.71 25.92
N TYR B 166 17.18 -30.94 26.96
CA TYR B 166 16.68 -29.59 26.81
C TYR B 166 17.60 -28.45 27.16
N GLY B 167 18.80 -28.73 27.66
CA GLY B 167 19.74 -27.72 28.10
C GLY B 167 19.36 -27.05 29.41
N ALA B 168 18.45 -27.65 30.18
CA ALA B 168 17.93 -27.12 31.39
C ALA B 168 18.67 -27.55 32.63
N LYS B 169 19.66 -26.75 33.02
CA LYS B 169 20.39 -27.02 34.28
C LYS B 169 19.34 -26.79 35.39
N LEU B 170 19.65 -27.26 36.59
CA LEU B 170 18.75 -27.07 37.71
C LEU B 170 19.32 -26.04 38.68
N GLN B 171 18.64 -24.90 38.82
CA GLN B 171 19.07 -23.86 39.75
C GLN B 171 18.28 -23.94 41.05
N PRO B 172 19.01 -24.01 42.16
CA PRO B 172 18.43 -24.08 43.49
C PRO B 172 18.10 -22.70 44.06
N LEU B 173 16.83 -22.51 44.40
CA LEU B 173 16.36 -21.26 44.99
C LEU B 173 15.69 -21.60 46.33
N ASP B 174 15.61 -20.63 47.23
CA ASP B 174 14.99 -20.87 48.53
C ASP B 174 13.51 -20.56 48.53
N PHE B 175 12.66 -21.44 47.95
CA PHE B 175 11.22 -21.20 48.01
C PHE B 175 10.82 -21.17 49.47
N LYS B 176 10.98 -22.28 50.18
CA LYS B 176 10.66 -22.44 51.57
C LYS B 176 10.77 -21.22 52.46
N GLU B 177 11.90 -20.50 52.47
CA GLU B 177 12.03 -19.29 53.26
C GLU B 177 11.91 -17.99 52.51
N ASN B 178 12.56 -17.83 51.37
CA ASN B 178 12.49 -16.60 50.59
C ASN B 178 11.69 -16.73 49.31
N ALA B 179 10.42 -17.09 49.38
CA ALA B 179 9.60 -17.32 48.20
C ALA B 179 9.55 -16.16 47.22
N GLU B 180 9.11 -14.99 47.70
CA GLU B 180 9.00 -13.80 46.88
C GLU B 180 10.26 -13.44 46.13
N GLN B 181 11.42 -13.45 46.78
CA GLN B 181 12.70 -13.18 46.15
C GLN B 181 13.11 -14.21 45.12
N SER B 182 12.68 -15.45 45.25
CA SER B 182 12.95 -16.50 44.28
C SER B 182 12.28 -16.13 42.96
N ARG B 183 10.98 -15.86 42.99
CA ARG B 183 10.23 -15.45 41.82
C ARG B 183 10.93 -14.38 41.01
N ALA B 184 11.24 -13.24 41.63
CA ALA B 184 11.97 -12.15 41.01
C ALA B 184 13.21 -12.63 40.26
N ALA B 185 14.01 -13.49 40.89
CA ALA B 185 15.18 -14.09 40.29
C ALA B 185 14.83 -14.91 39.06
N ILE B 186 13.74 -15.70 39.13
CA ILE B 186 13.28 -16.44 37.95
C ILE B 186 12.95 -15.46 36.84
N ASN B 187 12.14 -14.44 37.13
CA ASN B 187 11.81 -13.42 36.14
C ASN B 187 13.04 -12.71 35.62
N LYS B 188 14.03 -12.38 36.47
CA LYS B 188 15.28 -11.80 36.04
C LYS B 188 16.03 -12.68 35.04
N TRP B 189 16.01 -14.00 35.21
CA TRP B 189 16.64 -14.92 34.28
C TRP B 189 15.86 -14.94 32.97
N VAL B 190 14.52 -14.98 33.05
CA VAL B 190 13.68 -14.91 31.87
C VAL B 190 13.87 -13.63 31.10
N SER B 191 13.99 -12.49 31.78
CA SER B 191 14.24 -11.20 31.15
C SER B 191 15.58 -11.22 30.41
N ASN B 192 16.59 -11.81 31.03
CA ASN B 192 17.91 -11.96 30.47
C ASN B 192 17.92 -12.71 29.14
N LYS B 193 17.28 -13.87 29.08
CA LYS B 193 17.19 -14.69 27.90
C LYS B 193 16.38 -14.14 26.75
N THR B 194 15.47 -13.20 27.00
CA THR B 194 14.64 -12.60 25.97
C THR B 194 14.98 -11.15 25.70
N GLU B 195 16.23 -10.75 25.92
CA GLU B 195 16.68 -9.39 25.68
C GLU B 195 15.78 -8.36 26.34
N GLY B 196 15.46 -8.50 27.63
CA GLY B 196 14.61 -7.63 28.36
C GLY B 196 13.24 -7.35 27.77
N ARG B 197 12.59 -8.30 27.12
CA ARG B 197 11.30 -8.10 26.50
C ARG B 197 10.17 -8.72 27.33
N ILE B 198 10.51 -9.86 27.92
CA ILE B 198 9.59 -10.59 28.80
C ILE B 198 10.24 -10.46 30.19
N THR B 199 9.76 -9.52 30.98
CA THR B 199 10.35 -9.25 32.28
C THR B 199 9.58 -9.83 33.46
N ASP B 200 8.38 -10.31 33.24
CA ASP B 200 7.49 -10.70 34.32
C ASP B 200 6.58 -11.88 34.13
N VAL B 201 7.05 -12.99 33.56
CA VAL B 201 6.27 -14.18 33.33
C VAL B 201 5.44 -14.63 34.54
N ILE B 202 6.13 -14.89 35.65
CA ILE B 202 5.46 -15.35 36.86
C ILE B 202 4.93 -14.17 37.65
N PRO B 203 3.61 -14.18 37.88
CA PRO B 203 2.92 -13.11 38.59
C PRO B 203 3.03 -13.18 40.10
N SER B 204 3.18 -12.02 40.72
CA SER B 204 3.29 -11.88 42.17
C SER B 204 2.40 -12.84 42.94
N GLU B 205 2.92 -13.48 43.98
CA GLU B 205 2.17 -14.41 44.81
C GLU B 205 1.90 -15.78 44.26
N ALA B 206 2.33 -16.14 43.06
CA ALA B 206 2.10 -17.42 42.44
C ALA B 206 2.94 -18.54 43.07
N ILE B 207 4.16 -18.17 43.42
CA ILE B 207 5.12 -19.06 44.06
C ILE B 207 5.03 -18.81 45.58
N ASN B 208 5.10 -19.88 46.36
CA ASN B 208 5.01 -19.75 47.81
C ASN B 208 5.90 -20.70 48.56
N GLU B 209 5.65 -20.91 49.86
CA GLU B 209 6.41 -21.78 50.71
C GLU B 209 6.31 -23.26 50.48
N LEU B 210 5.26 -23.75 49.83
CA LEU B 210 5.14 -25.16 49.50
C LEU B 210 5.62 -25.44 48.10
N THR B 211 6.19 -24.45 47.42
CA THR B 211 6.70 -24.56 46.07
C THR B 211 7.88 -25.49 45.94
N VAL B 212 7.82 -26.45 45.02
CA VAL B 212 8.91 -27.40 44.81
C VAL B 212 9.79 -27.02 43.63
N LEU B 213 9.19 -27.02 42.43
CA LEU B 213 9.97 -26.75 41.22
C LEU B 213 9.25 -25.86 40.22
N VAL B 214 10.05 -25.08 39.47
CA VAL B 214 9.55 -24.19 38.42
C VAL B 214 10.30 -24.53 37.11
N LEU B 215 9.57 -24.98 36.10
CA LEU B 215 10.17 -25.30 34.80
C LEU B 215 9.91 -24.19 33.79
N VAL B 216 10.98 -23.56 33.28
CA VAL B 216 10.86 -22.44 32.37
C VAL B 216 11.48 -22.63 30.98
N ASN B 217 10.82 -22.13 29.94
CA ASN B 217 11.34 -22.12 28.58
C ASN B 217 11.32 -20.66 28.11
N THR B 218 12.26 -20.27 27.27
CA THR B 218 12.34 -18.93 26.73
C THR B 218 12.65 -19.01 25.22
N ILE B 219 11.92 -18.29 24.38
CA ILE B 219 12.19 -18.26 22.96
C ILE B 219 12.34 -16.77 22.58
N TYR B 220 13.33 -16.47 21.75
CA TYR B 220 13.58 -15.11 21.32
C TYR B 220 13.87 -15.05 19.83
N PHE B 221 13.18 -14.18 19.11
CA PHE B 221 13.36 -14.02 17.68
C PHE B 221 13.55 -12.55 17.29
N LYS B 222 14.52 -12.26 16.45
CA LYS B 222 14.78 -10.93 15.94
C LYS B 222 15.31 -11.06 14.49
N GLY B 223 14.50 -10.60 13.54
CA GLY B 223 14.87 -10.70 12.13
C GLY B 223 14.70 -9.40 11.38
N LEU B 224 15.54 -9.23 10.36
CA LEU B 224 15.48 -8.03 9.51
C LEU B 224 14.55 -8.42 8.33
N TRP B 225 13.71 -7.49 7.91
CA TRP B 225 12.81 -7.80 6.79
C TRP B 225 13.68 -8.10 5.55
N LYS B 226 13.16 -8.93 4.65
CA LYS B 226 13.89 -9.16 3.39
C LYS B 226 13.71 -7.90 2.55
N SER B 227 12.48 -7.40 2.49
CA SER B 227 12.18 -6.17 1.76
C SER B 227 11.77 -5.10 2.78
N LYS B 228 12.71 -4.21 3.11
CA LYS B 228 12.47 -3.19 4.10
C LYS B 228 11.40 -2.17 3.72
N PHE B 229 10.94 -1.46 4.75
CA PHE B 229 9.94 -0.40 4.61
C PHE B 229 10.68 0.94 4.85
N SER B 230 10.38 1.92 4.02
CA SER B 230 11.01 3.23 4.17
C SER B 230 10.22 4.09 5.14
N PRO B 231 10.90 4.61 6.18
CA PRO B 231 10.30 5.44 7.20
C PRO B 231 9.75 6.78 6.81
N GLU B 232 10.10 7.30 5.64
CA GLU B 232 9.67 8.52 5.04
C GLU B 232 8.29 8.34 4.38
N ASN B 233 7.89 7.08 4.20
CA ASN B 233 6.62 6.66 3.67
C ASN B 233 5.68 6.24 4.79
N THR B 234 6.24 5.99 5.97
CA THR B 234 5.40 5.65 7.15
C THR B 234 4.65 6.93 7.51
N ARG B 235 3.37 6.82 7.84
CA ARG B 235 2.58 8.02 8.18
C ARG B 235 1.61 7.77 9.31
N LYS B 236 1.02 8.80 9.89
CA LYS B 236 0.08 8.64 11.00
C LYS B 236 -1.37 8.61 10.56
N GLU B 237 -2.21 7.97 11.37
CA GLU B 237 -3.65 7.87 11.06
C GLU B 237 -4.43 7.45 12.29
N LEU B 238 -5.64 7.97 12.46
CA LEU B 238 -6.46 7.61 13.62
C LEU B 238 -6.96 6.17 13.46
N PHE B 239 -7.09 5.47 14.56
CA PHE B 239 -7.59 4.08 14.51
C PHE B 239 -8.86 4.08 15.38
N TYR B 240 -10.01 3.69 14.84
CA TYR B 240 -11.23 3.71 15.62
C TYR B 240 -11.58 2.41 16.32
N LYS B 241 -11.42 2.39 17.65
CA LYS B 241 -11.73 1.20 18.44
C LYS B 241 -13.24 0.95 18.40
N ALA B 242 -13.64 -0.28 18.66
CA ALA B 242 -15.06 -0.63 18.67
C ALA B 242 -15.87 0.28 19.57
N ASP B 243 -15.46 0.43 20.84
CA ASP B 243 -16.12 1.31 21.77
C ASP B 243 -16.51 2.67 21.23
N GLY B 244 -15.58 3.43 20.68
CA GLY B 244 -15.88 4.74 20.11
C GLY B 244 -14.62 5.59 20.04
N GLU B 245 -13.71 5.34 20.98
CA GLU B 245 -12.45 6.06 21.06
C GLU B 245 -11.50 5.69 19.92
N SER B 246 -10.57 6.61 19.66
CA SER B 246 -9.57 6.41 18.62
C SER B 246 -8.19 6.65 19.23
N CYS B 247 -7.16 6.23 18.53
CA CYS B 247 -5.78 6.43 19.01
C CYS B 247 -4.90 6.65 17.78
N SER B 248 -3.66 7.07 17.97
CA SER B 248 -2.78 7.24 16.82
C SER B 248 -2.16 5.91 16.42
N ALA B 249 -1.83 5.79 15.13
CA ALA B 249 -1.25 4.57 14.59
C ALA B 249 -0.37 4.86 13.38
N SER B 250 0.94 4.68 13.55
CA SER B 250 1.88 4.89 12.45
C SER B 250 1.74 3.74 11.45
N MET B 251 1.18 4.04 10.28
CA MET B 251 0.98 3.04 9.24
C MET B 251 2.12 3.10 8.22
N MET B 252 2.79 1.96 8.05
CA MET B 252 3.89 1.86 7.11
C MET B 252 3.40 1.57 5.68
N TYR B 253 4.23 1.90 4.71
CA TYR B 253 3.89 1.71 3.31
C TYR B 253 5.07 1.12 2.53
N GLN B 254 4.75 0.34 1.49
CA GLN B 254 5.78 -0.26 0.65
C GLN B 254 5.16 -0.90 -0.58
N GLU B 255 5.96 -1.04 -1.64
CA GLU B 255 5.52 -1.63 -2.90
C GLU B 255 6.57 -2.65 -3.36
N GLY B 256 6.15 -3.85 -3.74
CA GLY B 256 7.10 -4.87 -4.18
C GLY B 256 6.47 -6.19 -4.59
N LYS B 257 7.30 -7.21 -4.82
CA LYS B 257 6.81 -8.54 -5.21
C LYS B 257 6.74 -9.41 -3.97
N PHE B 258 5.61 -10.06 -3.67
CA PHE B 258 5.43 -10.80 -2.43
C PHE B 258 4.43 -11.96 -2.63
N ARG B 259 4.64 -13.09 -1.95
CA ARG B 259 3.67 -14.19 -2.09
C ARG B 259 2.34 -13.71 -1.49
N TYR B 260 1.27 -13.77 -2.26
CA TYR B 260 -0.05 -13.33 -1.80
C TYR B 260 -1.10 -14.22 -2.45
N ARG B 261 -2.32 -14.22 -1.93
CA ARG B 261 -3.44 -14.90 -2.54
C ARG B 261 -4.76 -14.42 -1.95
N ARG B 262 -5.75 -14.20 -2.80
CA ARG B 262 -7.08 -13.84 -2.31
C ARG B 262 -7.86 -15.18 -2.26
N VAL B 263 -8.30 -15.57 -1.07
CA VAL B 263 -8.96 -16.84 -0.90
C VAL B 263 -10.47 -16.79 -0.78
N ALA B 264 -11.03 -17.88 -0.22
CA ALA B 264 -12.46 -18.05 -0.02
C ALA B 264 -13.06 -17.01 0.91
N GLU B 265 -14.12 -16.36 0.42
CA GLU B 265 -14.83 -15.30 1.10
C GLU B 265 -14.09 -13.98 1.11
N GLY B 266 -13.14 -13.79 0.18
CA GLY B 266 -12.33 -12.63 0.03
C GLY B 266 -11.18 -12.44 0.99
N THR B 267 -10.85 -13.44 1.80
CA THR B 267 -9.79 -13.39 2.77
C THR B 267 -8.42 -13.28 2.13
N GLN B 268 -7.64 -12.28 2.52
CA GLN B 268 -6.30 -12.08 1.96
C GLN B 268 -5.22 -12.70 2.84
N VAL B 269 -4.32 -13.44 2.19
CA VAL B 269 -3.19 -14.06 2.89
C VAL B 269 -1.89 -13.47 2.32
N LEU B 270 -1.13 -12.74 3.11
CA LEU B 270 0.12 -12.12 2.64
C LEU B 270 1.35 -12.68 3.34
N GLU B 271 2.45 -12.89 2.63
CA GLU B 271 3.67 -13.40 3.22
C GLU B 271 4.84 -12.43 3.23
N LEU B 272 5.44 -12.21 4.40
CA LEU B 272 6.56 -11.29 4.54
C LEU B 272 7.81 -12.03 5.04
N PRO B 273 8.73 -12.29 4.12
CA PRO B 273 9.95 -13.02 4.40
C PRO B 273 11.07 -12.23 5.04
N PHE B 274 11.69 -12.84 6.05
CA PHE B 274 12.84 -12.20 6.72
C PHE B 274 14.04 -12.52 5.82
N LYS B 275 15.11 -11.74 5.97
CA LYS B 275 16.31 -12.03 5.18
C LYS B 275 16.63 -13.52 5.41
N GLY B 276 17.05 -14.21 4.37
CA GLY B 276 17.38 -15.62 4.45
C GLY B 276 16.31 -16.50 3.86
N ASP B 277 15.03 -16.13 4.02
CA ASP B 277 13.89 -16.87 3.58
C ASP B 277 13.53 -18.09 4.38
N ASP B 278 14.26 -18.41 5.44
CA ASP B 278 14.09 -19.53 6.32
C ASP B 278 12.91 -19.31 7.28
N ILE B 279 12.70 -18.05 7.65
CA ILE B 279 11.62 -17.61 8.50
C ILE B 279 10.85 -16.49 7.78
N THR B 280 9.53 -16.61 7.77
CA THR B 280 8.65 -15.63 7.15
C THR B 280 7.50 -15.29 8.12
N MET B 281 6.82 -14.20 7.83
CA MET B 281 5.67 -13.80 8.64
C MET B 281 4.44 -13.82 7.71
N VAL B 282 3.46 -14.62 8.07
CA VAL B 282 2.23 -14.72 7.26
C VAL B 282 1.18 -13.83 7.91
N LEU B 283 0.37 -13.16 7.10
CA LEU B 283 -0.70 -12.30 7.61
C LEU B 283 -2.02 -12.83 7.02
N ILE B 284 -3.06 -12.90 7.82
CA ILE B 284 -4.36 -13.41 7.37
C ILE B 284 -5.40 -12.32 7.65
N LEU B 285 -5.89 -11.63 6.64
CA LEU B 285 -6.89 -10.59 6.83
C LEU B 285 -8.23 -10.99 6.21
N PRO B 286 -9.27 -10.96 7.02
CA PRO B 286 -10.62 -11.25 6.54
C PRO B 286 -11.11 -10.12 5.65
N LYS B 287 -12.14 -10.41 4.87
CA LYS B 287 -12.72 -9.40 3.96
C LYS B 287 -13.10 -8.18 4.76
N PRO B 288 -12.88 -6.99 4.21
CA PRO B 288 -13.18 -5.72 4.83
C PRO B 288 -14.21 -5.75 5.92
N GLU B 289 -15.47 -6.06 5.64
CA GLU B 289 -16.47 -6.29 6.66
C GLU B 289 -16.86 -7.78 6.66
N LYS B 290 -16.03 -8.55 7.36
CA LYS B 290 -16.20 -9.99 7.53
C LYS B 290 -15.53 -10.27 8.88
N SER B 291 -16.11 -11.16 9.67
CA SER B 291 -15.55 -11.45 10.99
C SER B 291 -14.43 -12.47 10.91
N LEU B 292 -13.43 -12.33 11.79
CA LEU B 292 -12.32 -13.26 11.87
C LEU B 292 -12.72 -14.63 12.35
N ALA B 293 -13.74 -14.72 13.20
CA ALA B 293 -14.31 -15.91 13.74
C ALA B 293 -14.38 -17.13 12.86
N LYS B 294 -14.96 -17.02 11.66
CA LYS B 294 -15.04 -18.17 10.75
C LYS B 294 -13.66 -18.73 10.46
N VAL B 295 -12.74 -17.88 10.01
CA VAL B 295 -11.36 -18.27 9.74
C VAL B 295 -10.72 -18.92 10.95
N GLU B 296 -10.86 -18.31 12.13
CA GLU B 296 -10.37 -18.84 13.39
C GLU B 296 -11.03 -20.15 13.77
N LYS B 297 -12.31 -20.33 13.44
CA LYS B 297 -13.06 -21.53 13.70
C LYS B 297 -12.55 -22.70 12.88
N GLU B 298 -12.21 -22.45 11.61
CA GLU B 298 -11.69 -23.49 10.73
C GLU B 298 -10.19 -23.30 10.52
N LEU B 299 -9.43 -23.43 11.62
CA LEU B 299 -8.00 -23.26 11.57
C LEU B 299 -7.27 -24.55 11.94
N THR B 300 -6.99 -25.34 10.91
CA THR B 300 -6.25 -26.59 11.07
C THR B 300 -4.96 -26.38 10.30
N PRO B 301 -3.90 -27.10 10.68
CA PRO B 301 -2.62 -27.06 10.00
C PRO B 301 -2.68 -27.46 8.53
N GLU B 302 -3.64 -28.26 8.13
CA GLU B 302 -4.00 -28.65 6.80
C GLU B 302 -4.45 -27.44 5.99
N VAL B 303 -5.42 -26.69 6.49
CA VAL B 303 -5.94 -25.48 5.86
C VAL B 303 -4.83 -24.44 5.68
N LEU B 304 -4.06 -24.24 6.75
CA LEU B 304 -2.93 -23.32 6.75
C LEU B 304 -1.94 -23.70 5.65
N GLN B 305 -1.62 -24.99 5.54
CA GLN B 305 -0.75 -25.51 4.52
C GLN B 305 -1.32 -25.25 3.13
N GLU B 306 -2.64 -25.39 2.96
CA GLU B 306 -3.31 -25.09 1.73
C GLU B 306 -3.11 -23.63 1.34
N TRP B 307 -3.40 -22.69 2.24
CA TRP B 307 -3.20 -21.27 1.93
C TRP B 307 -1.80 -20.98 1.43
N LEU B 308 -0.78 -21.34 2.19
CA LEU B 308 0.61 -21.15 1.83
C LEU B 308 1.04 -21.75 0.51
N ASP B 309 0.50 -22.90 0.15
CA ASP B 309 0.73 -23.59 -1.09
C ASP B 309 -0.07 -23.07 -2.27
N GLU B 310 -0.91 -22.07 -2.08
CA GLU B 310 -1.70 -21.46 -3.13
C GLU B 310 -1.06 -20.10 -3.49
N LEU B 311 -0.38 -19.51 -2.52
CA LEU B 311 0.28 -18.22 -2.69
C LEU B 311 1.10 -18.14 -3.98
N GLU B 312 0.96 -17.01 -4.67
CA GLU B 312 1.68 -16.79 -5.93
C GLU B 312 2.36 -15.43 -5.92
N GLU B 313 3.68 -15.40 -6.07
CA GLU B 313 4.42 -14.14 -6.08
C GLU B 313 3.71 -13.12 -6.97
N MET B 314 3.43 -11.95 -6.40
CA MET B 314 2.71 -10.90 -7.15
C MET B 314 3.21 -9.52 -6.77
N MET B 315 3.00 -8.52 -7.62
CA MET B 315 3.41 -7.15 -7.30
C MET B 315 2.22 -6.48 -6.60
N LEU B 316 2.45 -5.94 -5.41
CA LEU B 316 1.37 -5.33 -4.66
C LEU B 316 1.83 -4.20 -3.74
N VAL B 317 0.86 -3.57 -3.09
CA VAL B 317 1.15 -2.50 -2.13
C VAL B 317 0.87 -3.04 -0.72
N VAL B 318 1.86 -2.93 0.16
CA VAL B 318 1.72 -3.40 1.53
C VAL B 318 1.59 -2.23 2.51
N HIS B 319 0.53 -2.29 3.31
CA HIS B 319 0.25 -1.30 4.33
C HIS B 319 0.10 -2.04 5.68
N MET B 320 1.00 -1.79 6.60
CA MET B 320 0.93 -2.44 7.91
C MET B 320 1.49 -1.50 8.97
N PRO B 321 0.88 -1.54 10.16
CA PRO B 321 1.26 -0.67 11.25
C PRO B 321 2.61 -0.96 11.89
N ARG B 322 3.20 0.11 12.39
CA ARG B 322 4.47 0.02 13.17
C ARG B 322 3.90 -0.17 14.60
N PHE B 323 4.04 -1.36 15.17
CA PHE B 323 3.46 -1.56 16.48
C PHE B 323 4.17 -2.50 17.44
N ARG B 324 3.54 -2.63 18.62
CA ARG B 324 4.03 -3.46 19.69
C ARG B 324 2.89 -3.99 20.56
N ILE B 325 2.72 -5.31 20.57
CA ILE B 325 1.71 -5.94 21.40
C ILE B 325 2.43 -6.82 22.43
N GLU B 326 1.67 -7.29 23.40
CA GLU B 326 2.19 -8.12 24.48
C GLU B 326 0.98 -8.85 25.10
N ASP B 327 1.06 -10.15 25.22
CA ASP B 327 -0.03 -10.90 25.86
C ASP B 327 0.60 -11.60 27.07
N GLY B 328 -0.18 -11.80 28.09
CA GLY B 328 0.29 -12.45 29.33
C GLY B 328 -0.98 -13.11 29.91
N PHE B 329 -0.89 -14.39 30.21
CA PHE B 329 -2.06 -15.12 30.70
C PHE B 329 -1.67 -16.47 31.30
N SER B 330 -2.65 -17.10 31.94
CA SER B 330 -2.44 -18.42 32.57
C SER B 330 -3.08 -19.51 31.70
N LEU B 331 -2.42 -20.65 31.59
CA LEU B 331 -2.85 -21.74 30.75
C LEU B 331 -3.70 -22.81 31.41
N LYS B 332 -3.89 -22.74 32.72
CA LYS B 332 -4.68 -23.70 33.46
C LYS B 332 -6.05 -23.95 32.89
N GLU B 333 -6.91 -22.94 32.83
CA GLU B 333 -8.26 -23.09 32.30
C GLU B 333 -8.31 -23.71 30.92
N GLN B 334 -7.55 -23.17 29.98
CA GLN B 334 -7.50 -23.62 28.61
C GLN B 334 -7.05 -25.07 28.49
N LEU B 335 -5.90 -25.42 29.09
CA LEU B 335 -5.44 -26.79 29.06
C LEU B 335 -6.44 -27.77 29.61
N GLN B 336 -7.06 -27.47 30.77
CA GLN B 336 -8.10 -28.33 31.32
C GLN B 336 -9.20 -28.57 30.32
N ASP B 337 -9.81 -27.51 29.77
CA ASP B 337 -10.84 -27.63 28.74
C ASP B 337 -10.40 -28.56 27.61
N MET B 338 -9.19 -28.39 27.11
CA MET B 338 -8.51 -29.20 26.14
C MET B 338 -8.14 -30.61 26.56
N GLY B 339 -8.45 -31.08 27.76
CA GLY B 339 -8.21 -32.36 28.29
C GLY B 339 -7.23 -32.58 29.40
N LEU B 340 -6.41 -31.59 29.75
CA LEU B 340 -5.39 -31.74 30.78
C LEU B 340 -5.93 -31.57 32.20
N VAL B 341 -6.46 -32.64 32.78
CA VAL B 341 -7.03 -32.61 34.11
C VAL B 341 -6.11 -32.95 35.26
N ASP B 342 -5.65 -34.20 35.33
CA ASP B 342 -4.80 -34.70 36.37
C ASP B 342 -3.64 -33.86 36.81
N LEU B 343 -2.80 -33.37 35.90
CA LEU B 343 -1.66 -32.55 36.17
C LEU B 343 -1.80 -31.42 37.15
N PHE B 344 -2.95 -30.77 37.23
CA PHE B 344 -3.29 -29.71 38.10
C PHE B 344 -4.05 -30.11 39.37
N SER B 345 -4.38 -31.38 39.53
CA SER B 345 -5.11 -31.83 40.69
C SER B 345 -4.21 -32.44 41.74
N PRO B 346 -4.20 -31.87 42.95
CA PRO B 346 -3.45 -32.36 44.08
C PRO B 346 -3.70 -33.77 44.53
N GLU B 347 -4.81 -34.39 44.19
CA GLU B 347 -5.16 -35.74 44.51
C GLU B 347 -4.80 -36.68 43.36
N LYS B 348 -5.24 -36.36 42.14
CA LYS B 348 -4.98 -37.18 40.98
C LYS B 348 -3.65 -37.00 40.29
N SER B 349 -3.03 -35.82 40.36
CA SER B 349 -1.75 -35.60 39.70
C SER B 349 -0.75 -36.69 40.11
N LYS B 350 0.05 -37.13 39.15
CA LYS B 350 1.05 -38.17 39.41
C LYS B 350 2.34 -37.85 38.70
N LEU B 351 3.29 -37.24 39.43
CA LEU B 351 4.61 -36.91 38.91
C LEU B 351 5.68 -37.45 39.87
N PRO B 352 5.97 -38.74 39.76
CA PRO B 352 6.92 -39.42 40.62
C PRO B 352 8.37 -39.40 40.23
N GLY B 353 8.76 -38.72 39.15
CA GLY B 353 10.13 -38.70 38.71
C GLY B 353 10.90 -37.41 38.85
N ILE B 354 10.43 -36.50 39.69
CA ILE B 354 11.07 -35.20 39.89
C ILE B 354 11.97 -35.22 41.12
N VAL B 355 11.43 -35.59 42.28
CA VAL B 355 12.18 -35.63 43.51
C VAL B 355 12.62 -37.03 43.94
N ALA B 356 13.92 -37.17 44.17
CA ALA B 356 14.49 -38.45 44.61
C ALA B 356 13.77 -38.97 45.83
N GLU B 357 13.80 -38.22 46.93
CA GLU B 357 13.20 -38.51 48.20
C GLU B 357 11.71 -38.73 48.23
N GLY B 358 11.16 -39.75 47.61
CA GLY B 358 9.81 -40.11 47.46
C GLY B 358 8.69 -39.20 47.84
N ARG B 359 8.65 -37.96 47.39
CA ARG B 359 7.59 -37.00 47.72
C ARG B 359 6.61 -36.97 46.54
N ASP B 360 5.79 -38.00 46.40
CA ASP B 360 4.86 -38.15 45.31
C ASP B 360 3.44 -37.64 45.52
N ASP B 361 3.33 -36.35 45.78
CA ASP B 361 2.08 -35.64 45.98
C ASP B 361 2.10 -34.38 45.10
N LEU B 362 3.15 -34.27 44.29
CA LEU B 362 3.32 -33.13 43.41
C LEU B 362 2.17 -32.94 42.45
N TYR B 363 1.95 -31.69 42.06
CA TYR B 363 0.88 -31.33 41.12
C TYR B 363 1.29 -29.96 40.56
N VAL B 364 0.97 -29.66 39.32
CA VAL B 364 1.32 -28.33 38.79
C VAL B 364 0.19 -27.39 39.30
N SER B 365 0.54 -26.40 40.11
CA SER B 365 -0.50 -25.50 40.62
C SER B 365 -1.05 -24.62 39.51
N ASP B 366 -0.18 -23.91 38.82
CA ASP B 366 -0.54 -23.03 37.70
C ASP B 366 0.63 -22.94 36.73
N ALA B 367 0.34 -22.53 35.49
CA ALA B 367 1.36 -22.39 34.46
C ALA B 367 1.09 -21.10 33.68
N PHE B 368 2.11 -20.25 33.55
CA PHE B 368 1.97 -18.96 32.90
C PHE B 368 2.68 -18.81 31.56
N HIS B 369 2.12 -17.99 30.68
CA HIS B 369 2.71 -17.73 29.37
C HIS B 369 2.78 -16.21 29.17
N LYS B 370 3.73 -15.72 28.40
CA LYS B 370 3.87 -14.29 28.16
C LYS B 370 4.68 -14.00 26.90
N ALA B 371 4.07 -13.27 25.95
CA ALA B 371 4.74 -12.96 24.71
C ALA B 371 4.84 -11.48 24.39
N PHE B 372 5.76 -11.16 23.48
CA PHE B 372 6.01 -9.78 23.06
C PHE B 372 6.25 -9.72 21.54
N LEU B 373 5.65 -8.74 20.88
CA LEU B 373 5.85 -8.59 19.44
C LEU B 373 6.03 -7.12 19.07
N GLU B 374 7.05 -6.84 18.26
CA GLU B 374 7.31 -5.49 17.80
C GLU B 374 7.59 -5.59 16.30
N VAL B 375 6.93 -4.76 15.53
CA VAL B 375 7.11 -4.76 14.07
C VAL B 375 7.46 -3.31 13.69
N ASN B 376 8.43 -3.16 12.80
CA ASN B 376 8.82 -1.83 12.35
C ASN B 376 9.33 -1.94 10.91
N GLU B 377 9.91 -0.85 10.44
CA GLU B 377 10.45 -0.75 9.09
C GLU B 377 11.60 -1.69 8.84
N GLU B 378 12.48 -1.90 9.82
CA GLU B 378 13.65 -2.74 9.66
C GLU B 378 13.33 -4.21 9.67
N GLY B 379 12.57 -4.68 10.66
CA GLY B 379 12.19 -6.09 10.72
C GLY B 379 11.13 -6.36 11.77
N SER B 380 11.27 -7.50 12.45
CA SER B 380 10.35 -7.88 13.51
C SER B 380 11.07 -8.52 14.68
N GLU B 381 10.64 -8.17 15.88
CA GLU B 381 11.20 -8.71 17.12
C GLU B 381 10.08 -9.44 17.86
N ALA B 382 10.42 -10.56 18.48
CA ALA B 382 9.47 -11.36 19.24
C ALA B 382 10.19 -12.17 20.30
N ALA B 383 9.55 -12.30 21.45
CA ALA B 383 10.08 -13.04 22.58
C ALA B 383 8.90 -13.74 23.27
N ALA B 384 9.18 -14.76 24.05
CA ALA B 384 8.10 -15.47 24.74
C ALA B 384 8.69 -16.35 25.84
N SER B 385 7.82 -16.84 26.71
CA SER B 385 8.25 -17.69 27.81
C SER B 385 7.09 -18.41 28.47
N THR B 386 7.38 -19.61 28.96
CA THR B 386 6.39 -20.44 29.65
C THR B 386 7.02 -20.79 31.00
N ALA B 387 6.21 -20.77 32.05
CA ALA B 387 6.70 -21.10 33.39
C ALA B 387 5.69 -22.02 34.06
N VAL B 388 6.12 -23.25 34.35
CA VAL B 388 5.24 -24.23 35.00
C VAL B 388 5.63 -24.37 36.48
N VAL B 389 4.68 -24.07 37.37
CA VAL B 389 4.96 -24.17 38.80
C VAL B 389 4.38 -25.42 39.43
N ILE B 390 5.26 -26.21 40.07
CA ILE B 390 4.87 -27.42 40.75
C ILE B 390 4.64 -27.10 42.24
N ALA B 391 3.40 -27.18 42.68
CA ALA B 391 3.01 -26.95 44.05
C ALA B 391 3.13 -25.54 44.55
N GLY B 392 2.26 -24.63 44.15
CA GLY B 392 2.29 -23.24 44.65
C GLY B 392 0.84 -22.80 44.86
N ARG B 393 0.52 -21.60 44.42
CA ARG B 393 -0.85 -21.11 44.56
C ARG B 393 -1.59 -20.91 43.26
N SER B 394 -2.70 -21.62 43.10
CA SER B 394 -3.55 -21.44 41.92
C SER B 394 -4.36 -20.16 42.18
N LEU B 395 -4.00 -19.10 41.47
CA LEU B 395 -4.70 -17.82 41.62
C LEU B 395 -5.43 -17.54 40.32
N ASN B 396 -6.57 -16.86 40.35
CA ASN B 396 -7.29 -16.55 39.11
C ASN B 396 -6.93 -15.12 38.69
N PRO B 397 -6.08 -15.00 37.66
CA PRO B 397 -5.59 -13.75 37.18
C PRO B 397 -6.44 -12.86 36.30
N ASN B 398 -5.78 -11.80 35.82
CA ASN B 398 -6.31 -10.76 34.98
C ASN B 398 -7.37 -11.18 33.99
N ARG B 399 -8.61 -10.76 34.26
CA ARG B 399 -9.74 -11.04 33.39
C ARG B 399 -10.13 -9.87 32.50
N VAL B 400 -9.25 -8.89 32.31
CA VAL B 400 -9.56 -7.76 31.47
C VAL B 400 -8.41 -7.06 30.78
N THR B 401 -8.52 -7.00 29.46
CA THR B 401 -7.55 -6.32 28.59
C THR B 401 -8.36 -5.57 27.53
N PHE B 402 -7.87 -4.45 27.04
CA PHE B 402 -8.53 -3.63 26.07
C PHE B 402 -9.17 -4.30 24.85
N LYS B 403 -10.40 -3.90 24.54
CA LYS B 403 -11.10 -4.40 23.36
C LYS B 403 -11.09 -3.34 22.26
N ALA B 404 -10.50 -3.63 21.11
CA ALA B 404 -10.43 -2.68 19.99
C ALA B 404 -10.89 -3.32 18.70
N ASN B 405 -11.10 -2.64 17.58
CA ASN B 405 -11.61 -3.26 16.37
C ASN B 405 -10.78 -3.62 15.19
N ARG B 406 -11.21 -4.58 14.36
CA ARG B 406 -10.66 -4.96 13.09
C ARG B 406 -9.29 -5.63 13.18
N PRO B 407 -9.26 -6.84 13.73
CA PRO B 407 -8.05 -7.60 13.91
C PRO B 407 -7.59 -8.45 12.75
N PHE B 408 -6.27 -8.67 12.69
CA PHE B 408 -5.63 -9.54 11.72
C PHE B 408 -4.82 -10.62 12.46
N LEU B 409 -4.69 -11.77 11.81
CA LEU B 409 -3.92 -12.88 12.37
C LEU B 409 -2.47 -12.73 11.90
N VAL B 410 -1.53 -12.98 12.80
CA VAL B 410 -0.11 -12.94 12.44
C VAL B 410 0.48 -14.31 12.79
N PHE B 411 1.45 -14.77 12.02
CA PHE B 411 2.10 -16.05 12.22
C PHE B 411 3.61 -15.85 11.88
N ILE B 412 4.47 -16.35 12.74
CA ILE B 412 5.92 -16.26 12.47
C ILE B 412 6.40 -17.72 12.34
N ARG B 413 6.52 -18.19 11.10
CA ARG B 413 6.91 -19.55 10.83
C ARG B 413 8.33 -19.81 10.34
N GLU B 414 8.76 -21.07 10.55
CA GLU B 414 10.05 -21.53 10.03
C GLU B 414 9.62 -22.40 8.83
N VAL B 415 10.20 -22.12 7.68
CA VAL B 415 9.81 -22.70 6.43
C VAL B 415 10.11 -24.13 6.12
N PRO B 416 11.40 -24.49 6.09
CA PRO B 416 11.83 -25.87 5.80
C PRO B 416 11.06 -26.84 6.68
N LEU B 417 11.16 -26.69 8.01
CA LEU B 417 10.47 -27.53 8.95
C LEU B 417 9.01 -27.27 9.20
N ASN B 418 8.42 -26.18 8.72
CA ASN B 418 7.02 -25.87 8.91
C ASN B 418 6.57 -25.72 10.35
N THR B 419 7.39 -25.12 11.20
CA THR B 419 7.12 -24.92 12.61
C THR B 419 6.50 -23.55 12.87
N ILE B 420 5.45 -23.49 13.69
CA ILE B 420 4.83 -22.20 14.00
C ILE B 420 5.54 -21.69 15.28
N ILE B 421 6.47 -20.74 15.14
CA ILE B 421 7.19 -20.23 16.30
C ILE B 421 6.30 -19.33 17.16
N PHE B 422 5.73 -18.31 16.52
CA PHE B 422 4.83 -17.37 17.17
C PHE B 422 3.51 -17.38 16.36
N MET B 423 2.43 -17.02 17.02
CA MET B 423 1.12 -16.97 16.35
C MET B 423 0.23 -16.05 17.18
N GLY B 424 -0.75 -15.40 16.56
CA GLY B 424 -1.62 -14.51 17.31
C GLY B 424 -2.57 -13.65 16.50
N ARG B 425 -3.10 -12.62 17.17
CA ARG B 425 -4.09 -11.71 16.58
C ARG B 425 -3.88 -10.26 16.99
N VAL B 426 -3.59 -9.39 16.02
CA VAL B 426 -3.39 -7.98 16.32
C VAL B 426 -4.68 -7.18 16.14
N ALA B 427 -5.35 -6.84 17.23
CA ALA B 427 -6.59 -6.06 17.17
C ALA B 427 -6.28 -4.57 17.33
N ASN B 428 -5.49 -4.27 18.36
CA ASN B 428 -5.08 -2.90 18.64
C ASN B 428 -3.64 -2.71 18.17
N PRO B 429 -3.49 -1.97 17.06
CA PRO B 429 -2.19 -1.67 16.50
C PRO B 429 -1.61 -0.39 17.10
N CYS B 430 -2.46 0.47 17.64
CA CYS B 430 -2.02 1.70 18.26
C CYS B 430 -1.04 1.41 19.41
N VAL B 431 0.04 2.19 19.45
CA VAL B 431 1.01 2.06 20.53
C VAL B 431 1.07 3.45 21.22
#